data_9KFT
#
_entry.id   9KFT
#
_cell.length_a   1.00
_cell.length_b   1.00
_cell.length_c   1.00
_cell.angle_alpha   90.00
_cell.angle_beta   90.00
_cell.angle_gamma   90.00
#
_symmetry.space_group_name_H-M   'P 1'
#
loop_
_entity.id
_entity.type
_entity.pdbx_description
1 polymer 'Guanine nucleotide-binding protein G(i) subunit alpha-1'
2 polymer 'Guanine nucleotide-binding protein G(I)/G(S)/G(T) subunit beta-1'
3 polymer 'Guanine nucleotide-binding protein G(I)/G(S)/G(O) subunit gamma-2'
4 polymer 'fMet-Leu-Phe receptor'
5 polymer SCFV16
6 polymer 'fMLFC peptide'
#
loop_
_entity_poly.entity_id
_entity_poly.type
_entity_poly.pdbx_seq_one_letter_code
_entity_poly.pdbx_strand_id
1 'polypeptide(L)'
;GCTLSAEDKAAVERSKMIDRNLREDGEKAAREVKLLLLGAGESGKCTIVKQMKIIHEAGYSEEECKQYKAVVYSNTIQSI
IAIIRAMGRLKIDFGDSARADDARQLFVLAGAAEEGFMTAELAGVIKRLWKDSGVQACFNRSREYQLNDSAAYYLNDLDR
IAQPNYIPTQQDVLRTRVKTTGIVETHFTFKDLHFKMFDVTAQRSERKKWIHCFEGVTAIIFCVALSDYDLVLAEDEEMN
RMHESMKLFDSICNNKWFTDTSIILFLNKKDLFEEKIKKSPLTICYPEYAGSNTYEEAAAYIQCQFEDLNKRKDTKEIYT
HFTCSTDTKNVQFVFDAVTDVIIKNNLKDCGLF
;
A
2 'polypeptide(L)'
;MSELDQLRQEAEQLKNQIRDARKACADATLSQITNNIDPVGRIQMRTRRTLRGHLAKIYAMHWGTDSRLLVSASQDGKLI
IWDSYTTNKVHAIPLRSSWVMTCAYAPSGNYVACGGLDNICSIYNLKTREGNVRVSRELAGHTGYLSCCRFLDDNQIVTS
SGDTTCALWDIQTGQQTTTFTGHTGDVMSLSLAPDTRLFVSGACDASAKLWDVREGMCRQTFTGHESDINAICFFPNGNA
FATGSDDATCRLFDLRADQELMTYSHDNIICGITSVSFSKSGRLLLAGYDDFNCNVWDALKADRAGVLAGHDNRVSCLGV
TDDGMAVATGSWDSFLKIWN
;
B
3 'polypeptide(L)' MASNNTASIAQARKLVEQLKMEANIDRIKVSKAAADLMAYCEAHAKEDPLLTPVPASENPFREKKFFCAIL C
4 'polypeptide(L)'
;METNSSLPTNISGGTPAVSAGYLFLDIITYLVFAVTFVLGVLGNGLVIWVAGFRMTHTVTTISYLNLAVADFCFTSTLPF
FMVRKAMGGHWPFGWFLCKFVFTIVDINLFGSVFLIALIALDRCVCVLHPVWTQNHRTVSLAKKVIIGPWVMALLLTLPV
IIRVTTVPGKTGTVACTFNFSPWTNDPKERINVAVAMLTVRGIIRFIIGFSAPMSIVAVSYGLIATKIHKQGLIKSSRPL
RVLSFVAAAFFLCWSPYQVVALIATVRIRELLQGMYKEIGIAVDVTSALAFFNSCLNPMLYVFMGQDFRERLIHALPASL
ERALTEDSTQTSDTATNSTLPSAEVELQAK
;
R
5 'polypeptide(L)'
;DVQLVESGGGLVQPGGSRKLSCSASGFAFSSFGMHWVRQAPEKGLEWVAYISSGSGTIYYADTVKGRFTISRDDPKNTLF
LQMTSLRSEDTAMYYCVRSIYYYGSSPFDFWGQGTTLTVSSGGGGSGGGGSGGGGSDIVMTQATSSVPVTPGESVSISCR
SSKSLLHSNGNTYLYWFLQRPGQSPQLLIYRMSNLASGVPDRFSGSGSGTAFTLTISRLEAEDVGVYYCMQHLEYPLTFG
AGTKLEL
;
S
6 'polypeptide(L)' (FME)LFC L
#
# COMPACT_ATOMS: atom_id res chain seq x y z
N GLY A 1 6.14 16.71 -15.88
CA GLY A 1 6.36 16.14 -17.19
C GLY A 1 7.76 16.40 -17.73
N CYS A 2 8.26 17.60 -17.51
CA CYS A 2 9.58 17.95 -18.00
C CYS A 2 10.67 17.18 -17.27
N THR A 3 11.85 17.12 -17.88
CA THR A 3 13.03 16.40 -17.38
C THR A 3 12.83 14.90 -17.31
N LEU A 4 11.86 14.36 -18.04
CA LEU A 4 11.60 12.92 -18.05
C LEU A 4 11.82 12.39 -19.45
N SER A 5 12.62 11.34 -19.56
CA SER A 5 12.89 10.73 -20.85
C SER A 5 11.63 10.08 -21.39
N ALA A 6 11.71 9.58 -22.62
CA ALA A 6 10.58 8.86 -23.18
C ALA A 6 10.34 7.57 -22.40
N GLU A 7 11.40 6.81 -22.17
CA GLU A 7 11.25 5.60 -21.37
C GLU A 7 11.00 5.93 -19.92
N ASP A 8 11.67 6.96 -19.40
CA ASP A 8 11.46 7.35 -18.02
C ASP A 8 10.04 7.84 -17.77
N LYS A 9 9.30 8.13 -18.83
CA LYS A 9 7.91 8.54 -18.76
C LYS A 9 6.96 7.38 -18.98
N ALA A 10 7.31 6.47 -19.90
CA ALA A 10 6.51 5.28 -20.06
C ALA A 10 6.60 4.38 -18.83
N ALA A 11 7.72 4.42 -18.12
CA ALA A 11 7.81 3.70 -16.87
C ALA A 11 6.78 4.21 -15.88
N VAL A 12 6.64 5.52 -15.79
CA VAL A 12 5.66 6.10 -14.88
C VAL A 12 4.27 5.73 -15.32
N GLU A 13 4.03 5.68 -16.62
CA GLU A 13 2.72 5.25 -17.08
C GLU A 13 2.41 3.83 -16.65
N ARG A 14 3.40 2.94 -16.76
CA ARG A 14 3.21 1.58 -16.27
C ARG A 14 2.95 1.56 -14.78
N SER A 15 3.64 2.38 -14.01
CA SER A 15 3.40 2.43 -12.57
C SER A 15 1.98 2.86 -12.26
N LYS A 16 1.47 3.85 -12.97
CA LYS A 16 0.10 4.28 -12.73
C LYS A 16 -0.88 3.18 -13.09
N MET A 17 -0.61 2.44 -14.17
CA MET A 17 -1.47 1.31 -14.51
C MET A 17 -1.44 0.24 -13.43
N ILE A 18 -0.25 -0.06 -12.90
CA ILE A 18 -0.14 -1.03 -11.82
C ILE A 18 -0.94 -0.57 -10.62
N ASP A 19 -0.86 0.71 -10.29
CA ASP A 19 -1.62 1.25 -9.18
C ASP A 19 -3.12 1.10 -9.41
N ARG A 20 -3.58 1.31 -10.63
CA ARG A 20 -4.98 1.08 -10.93
C ARG A 20 -5.37 -0.34 -10.58
N ASN A 21 -4.56 -1.31 -11.00
CA ASN A 21 -4.92 -2.70 -10.75
C ASN A 21 -4.83 -3.06 -9.27
N LEU A 22 -3.88 -2.48 -8.54
CA LEU A 22 -3.88 -2.67 -7.09
C LEU A 22 -5.12 -2.13 -6.42
N ARG A 23 -5.57 -0.94 -6.80
CA ARG A 23 -6.81 -0.45 -6.20
C ARG A 23 -7.96 -1.39 -6.51
N GLU A 24 -8.07 -1.85 -7.76
CA GLU A 24 -9.18 -2.73 -8.11
C GLU A 24 -9.15 -4.02 -7.30
N ASP A 25 -7.97 -4.64 -7.22
CA ASP A 25 -7.87 -5.90 -6.50
C ASP A 25 -8.08 -5.71 -5.02
N GLY A 26 -7.65 -4.56 -4.47
CA GLY A 26 -7.89 -4.30 -3.06
C GLY A 26 -9.36 -4.14 -2.74
N GLU A 27 -10.11 -3.48 -3.62
CA GLU A 27 -11.56 -3.40 -3.41
C GLU A 27 -12.19 -4.78 -3.46
N LYS A 28 -11.87 -5.54 -4.50
CA LYS A 28 -12.45 -6.88 -4.63
C LYS A 28 -12.07 -7.77 -3.47
N ALA A 29 -10.91 -7.55 -2.87
CA ALA A 29 -10.52 -8.34 -1.71
C ALA A 29 -11.22 -7.87 -0.45
N ALA A 30 -11.36 -6.57 -0.27
CA ALA A 30 -12.05 -6.06 0.91
C ALA A 30 -13.51 -6.43 0.93
N ARG A 31 -14.07 -6.81 -0.22
CA ARG A 31 -15.46 -7.22 -0.24
C ARG A 31 -15.73 -8.46 0.61
N GLU A 32 -14.75 -9.30 0.82
CA GLU A 32 -14.96 -10.60 1.46
C GLU A 32 -14.88 -10.46 2.97
N VAL A 33 -15.90 -10.95 3.67
CA VAL A 33 -15.90 -10.95 5.12
C VAL A 33 -14.97 -12.06 5.60
N LYS A 34 -13.99 -11.71 6.41
CA LYS A 34 -12.93 -12.65 6.76
C LYS A 34 -13.15 -13.18 8.16
N LEU A 35 -13.75 -14.35 8.26
CA LEU A 35 -13.94 -15.02 9.53
C LEU A 35 -12.74 -15.90 9.83
N LEU A 36 -12.42 -16.04 11.11
CA LEU A 36 -11.36 -16.94 11.53
C LEU A 36 -11.99 -18.10 12.29
N LEU A 37 -11.76 -19.31 11.83
CA LEU A 37 -12.32 -20.49 12.47
C LEU A 37 -11.24 -21.12 13.31
N LEU A 38 -11.49 -21.28 14.59
CA LEU A 38 -10.54 -21.99 15.42
C LEU A 38 -11.26 -22.55 16.63
N GLY A 39 -10.90 -23.76 17.00
CA GLY A 39 -11.52 -24.41 18.12
C GLY A 39 -10.95 -25.80 18.30
N ALA A 40 -10.71 -26.19 19.55
CA ALA A 40 -10.09 -27.48 19.82
C ALA A 40 -10.99 -28.65 19.46
N GLY A 41 -12.24 -28.40 19.09
CA GLY A 41 -13.12 -29.46 18.63
C GLY A 41 -12.86 -29.79 17.17
N GLU A 42 -11.79 -30.55 16.92
CA GLU A 42 -11.39 -30.86 15.54
C GLU A 42 -12.51 -31.54 14.78
N SER A 43 -13.15 -32.54 15.38
CA SER A 43 -14.35 -33.11 14.79
C SER A 43 -15.45 -32.07 14.68
N GLY A 44 -15.65 -31.29 15.74
CA GLY A 44 -16.63 -30.22 15.67
C GLY A 44 -16.32 -29.23 14.56
N LYS A 45 -15.04 -28.86 14.41
CA LYS A 45 -14.70 -27.86 13.41
C LYS A 45 -14.87 -28.42 12.00
N CYS A 46 -14.52 -29.69 11.77
CA CYS A 46 -14.70 -30.25 10.44
C CYS A 46 -16.18 -30.38 10.11
N THR A 47 -16.99 -30.79 11.08
CA THR A 47 -18.44 -30.82 10.85
C THR A 47 -18.96 -29.43 10.52
N ILE A 48 -18.51 -28.41 11.25
CA ILE A 48 -18.98 -27.05 10.98
C ILE A 48 -18.60 -26.63 9.58
N VAL A 49 -17.37 -26.93 9.16
CA VAL A 49 -16.99 -26.69 7.77
C VAL A 49 -17.96 -27.42 6.84
N LYS A 50 -18.42 -28.60 7.26
CA LYS A 50 -19.36 -29.35 6.42
C LYS A 50 -20.70 -28.62 6.26
N GLN A 51 -21.27 -28.09 7.35
CA GLN A 51 -22.55 -27.38 7.17
C GLN A 51 -22.37 -26.14 6.31
N MET A 52 -21.24 -25.44 6.46
CA MET A 52 -20.97 -24.29 5.62
C MET A 52 -20.64 -24.80 4.22
N LYS A 53 -21.68 -24.98 3.43
CA LYS A 53 -21.51 -25.46 2.07
C LYS A 53 -20.72 -24.44 1.27
N ILE A 54 -19.72 -24.92 0.53
CA ILE A 54 -18.79 -24.07 -0.20
C ILE A 54 -19.46 -23.43 -1.40
N THR A 181 -0.94 -28.61 6.01
CA THR A 181 -0.92 -27.90 4.74
C THR A 181 -1.27 -26.44 4.94
N GLY A 182 -1.33 -26.02 6.20
CA GLY A 182 -1.44 -24.61 6.54
C GLY A 182 -2.85 -24.06 6.62
N ILE A 183 -3.00 -22.77 6.34
CA ILE A 183 -4.33 -22.18 6.32
C ILE A 183 -5.17 -22.91 5.31
N VAL A 184 -6.45 -23.10 5.62
CA VAL A 184 -7.40 -23.71 4.71
C VAL A 184 -8.57 -22.73 4.58
N GLU A 185 -8.47 -21.81 3.63
CA GLU A 185 -9.56 -20.89 3.36
C GLU A 185 -10.77 -21.67 2.86
N THR A 186 -11.96 -21.21 3.25
CA THR A 186 -13.19 -21.84 2.78
C THR A 186 -14.15 -20.73 2.35
N HIS A 187 -14.03 -20.29 1.11
CA HIS A 187 -14.90 -19.25 0.60
C HIS A 187 -16.29 -19.84 0.40
N PHE A 188 -17.29 -19.21 1.02
CA PHE A 188 -18.67 -19.49 0.72
C PHE A 188 -19.43 -18.18 0.68
N THR A 189 -20.73 -18.25 0.41
CA THR A 189 -21.52 -17.08 0.11
C THR A 189 -22.93 -17.29 0.59
N PHE A 190 -23.50 -16.27 1.22
CA PHE A 190 -24.84 -16.37 1.78
C PHE A 190 -25.46 -14.99 1.72
N LYS A 191 -26.68 -14.91 1.18
CA LYS A 191 -27.46 -13.67 1.15
C LYS A 191 -26.63 -12.48 0.69
N ASP A 192 -25.75 -12.75 -0.27
CA ASP A 192 -24.85 -11.84 -0.97
C ASP A 192 -23.60 -11.47 -0.21
N LEU A 193 -23.44 -11.83 1.06
CA LEU A 193 -22.13 -11.62 1.66
C LEU A 193 -21.18 -12.64 1.11
N HIS A 194 -19.90 -12.29 1.08
CA HIS A 194 -18.88 -13.21 0.60
C HIS A 194 -17.97 -13.53 1.78
N PHE A 195 -18.39 -14.50 2.59
CA PHE A 195 -17.55 -14.87 3.70
C PHE A 195 -16.26 -15.50 3.21
N LYS A 196 -15.29 -15.59 4.09
CA LYS A 196 -14.05 -16.27 3.75
C LYS A 196 -13.49 -16.84 5.04
N MET A 197 -13.82 -18.08 5.33
CA MET A 197 -13.53 -18.69 6.61
C MET A 197 -12.14 -19.33 6.58
N PHE A 198 -11.25 -18.92 7.47
CA PHE A 198 -9.92 -19.47 7.50
C PHE A 198 -9.82 -20.49 8.62
N ASP A 199 -9.46 -21.70 8.27
CA ASP A 199 -9.26 -22.79 9.23
C ASP A 199 -7.77 -22.93 9.48
N VAL A 200 -7.35 -22.65 10.70
CA VAL A 200 -5.93 -22.59 11.01
C VAL A 200 -5.46 -23.75 11.84
N THR A 201 -6.34 -24.65 12.24
CA THR A 201 -5.96 -25.66 13.22
C THR A 201 -4.89 -26.60 12.69
N ALA A 202 -4.74 -26.72 11.38
CA ALA A 202 -3.60 -27.47 10.85
C ALA A 202 -2.28 -26.81 11.16
N GLN A 203 -2.30 -25.52 11.51
CA GLN A 203 -1.10 -24.75 11.85
C GLN A 203 -0.76 -25.06 13.30
N ARG A 204 0.02 -26.10 13.51
CA ARG A 204 0.42 -26.53 14.85
C ARG A 204 1.77 -25.90 15.16
N SER A 205 1.72 -24.71 15.75
CA SER A 205 2.92 -23.94 16.06
C SER A 205 2.64 -23.12 17.31
N GLU A 206 3.43 -22.09 17.54
CA GLU A 206 3.16 -21.16 18.63
C GLU A 206 2.11 -20.17 18.15
N ARG A 207 0.93 -20.21 18.76
CA ARG A 207 -0.16 -19.36 18.34
C ARG A 207 0.19 -17.90 18.47
N LYS A 208 1.12 -17.55 19.36
CA LYS A 208 1.40 -16.15 19.60
C LYS A 208 1.98 -15.46 18.37
N LYS A 209 2.68 -16.20 17.52
CA LYS A 209 3.52 -15.56 16.52
C LYS A 209 2.81 -15.29 15.21
N TRP A 210 1.78 -16.05 14.87
CA TRP A 210 1.02 -15.78 13.66
C TRP A 210 -0.37 -15.25 13.96
N ILE A 211 -0.77 -15.15 15.23
CA ILE A 211 -2.13 -14.77 15.53
C ILE A 211 -2.40 -13.34 15.15
N HIS A 212 -1.38 -12.50 15.11
CA HIS A 212 -1.63 -11.12 14.76
C HIS A 212 -1.85 -10.91 13.28
N CYS A 213 -1.60 -11.92 12.45
CA CYS A 213 -1.95 -11.81 11.05
C CYS A 213 -3.43 -11.58 10.87
N PHE A 214 -4.22 -12.10 11.81
CA PHE A 214 -5.67 -11.99 11.79
C PHE A 214 -6.17 -10.87 12.68
N GLU A 215 -5.40 -9.80 12.80
CA GLU A 215 -5.82 -8.70 13.66
C GLU A 215 -7.06 -8.01 13.12
N GLY A 216 -7.39 -8.18 11.85
CA GLY A 216 -8.53 -7.48 11.31
C GLY A 216 -9.69 -8.35 10.88
N VAL A 217 -9.79 -9.57 11.40
CA VAL A 217 -10.88 -10.42 10.98
C VAL A 217 -12.20 -9.88 11.52
N THR A 218 -13.25 -10.07 10.75
CA THR A 218 -14.56 -9.57 11.15
C THR A 218 -15.07 -10.26 12.39
N ALA A 219 -14.92 -11.57 12.48
CA ALA A 219 -15.35 -12.27 13.69
C ALA A 219 -14.62 -13.59 13.76
N ILE A 220 -14.45 -14.09 14.98
CA ILE A 220 -13.83 -15.39 15.21
C ILE A 220 -14.93 -16.40 15.43
N ILE A 221 -14.89 -17.49 14.70
CA ILE A 221 -15.78 -18.60 14.99
C ILE A 221 -15.08 -19.52 15.94
N PHE A 222 -15.82 -20.15 16.83
CA PHE A 222 -15.23 -20.98 17.87
C PHE A 222 -16.11 -22.20 18.09
N CYS A 223 -15.62 -23.36 17.71
CA CYS A 223 -16.37 -24.59 17.88
C CYS A 223 -15.79 -25.34 19.07
N VAL A 224 -16.65 -25.79 19.97
CA VAL A 224 -16.25 -26.69 21.05
C VAL A 224 -17.30 -27.76 21.18
N ALA A 225 -16.86 -29.01 21.29
CA ALA A 225 -17.79 -30.12 21.39
C ALA A 225 -18.39 -30.15 22.79
N LEU A 226 -19.71 -30.11 22.85
CA LEU A 226 -20.37 -30.20 24.15
C LEU A 226 -20.20 -31.58 24.76
N SER A 227 -20.25 -32.62 23.95
CA SER A 227 -20.20 -33.97 24.49
C SER A 227 -18.85 -34.32 25.08
N ASP A 228 -17.82 -33.52 24.84
CA ASP A 228 -16.49 -33.80 25.36
C ASP A 228 -16.25 -33.17 26.71
N TYR A 229 -17.31 -32.96 27.49
CA TYR A 229 -17.13 -32.32 28.79
C TYR A 229 -16.36 -33.20 29.77
N ASP A 230 -16.35 -34.52 29.57
CA ASP A 230 -15.69 -35.45 30.48
C ASP A 230 -14.77 -36.42 29.76
N LEU A 231 -13.95 -35.93 28.84
CA LEU A 231 -12.94 -36.74 28.17
C LEU A 231 -11.63 -35.98 28.19
N VAL A 232 -10.53 -36.69 28.44
CA VAL A 232 -9.23 -36.04 28.53
C VAL A 232 -8.50 -36.13 27.19
N MET A 239 -6.63 -33.87 32.01
CA MET A 239 -7.42 -32.66 31.87
C MET A 239 -8.54 -32.84 30.86
N ASN A 240 -9.79 -32.66 31.32
CA ASN A 240 -10.95 -32.87 30.47
C ASN A 240 -11.00 -31.86 29.34
N ARG A 241 -11.54 -32.31 28.20
CA ARG A 241 -11.52 -31.49 27.00
C ARG A 241 -12.24 -30.17 27.19
N MET A 242 -13.25 -30.14 28.06
CA MET A 242 -13.95 -28.88 28.30
C MET A 242 -13.00 -27.84 28.87
N HIS A 243 -12.13 -28.25 29.78
CA HIS A 243 -11.24 -27.28 30.40
C HIS A 243 -10.19 -26.79 29.42
N GLU A 244 -9.66 -27.68 28.57
CA GLU A 244 -8.73 -27.23 27.55
C GLU A 244 -9.41 -26.25 26.60
N SER A 245 -10.65 -26.56 26.21
CA SER A 245 -11.38 -25.67 25.33
C SER A 245 -11.62 -24.32 25.98
N MET A 246 -11.94 -24.29 27.27
CA MET A 246 -12.21 -22.99 27.88
C MET A 246 -10.93 -22.22 28.16
N LYS A 247 -9.81 -22.89 28.40
CA LYS A 247 -8.55 -22.18 28.45
C LYS A 247 -8.24 -21.55 27.10
N LEU A 248 -8.49 -22.29 26.02
CA LEU A 248 -8.29 -21.74 24.69
C LEU A 248 -9.18 -20.54 24.45
N PHE A 249 -10.45 -20.63 24.84
CA PHE A 249 -11.36 -19.51 24.65
C PHE A 249 -10.89 -18.31 25.44
N ASP A 250 -10.48 -18.52 26.67
CA ASP A 250 -10.02 -17.41 27.50
C ASP A 250 -8.80 -16.75 26.91
N SER A 251 -7.87 -17.55 26.39
CA SER A 251 -6.68 -16.97 25.80
C SER A 251 -7.00 -16.18 24.54
N ILE A 252 -7.76 -16.78 23.63
CA ILE A 252 -8.03 -16.13 22.35
C ILE A 252 -9.09 -15.06 22.46
N CYS A 253 -9.74 -14.94 23.61
CA CYS A 253 -10.71 -13.89 23.87
C CYS A 253 -10.10 -12.66 24.51
N ASN A 254 -8.82 -12.72 24.87
CA ASN A 254 -8.20 -11.59 25.55
C ASN A 254 -6.82 -11.27 24.99
N ASN A 255 -6.54 -11.64 23.75
CA ASN A 255 -5.34 -11.14 23.10
C ASN A 255 -5.41 -9.63 22.99
N LYS A 256 -4.25 -9.00 22.95
CA LYS A 256 -4.27 -7.57 22.69
C LYS A 256 -4.74 -7.26 21.28
N TRP A 257 -4.81 -8.27 20.41
CA TRP A 257 -5.26 -8.08 19.03
C TRP A 257 -6.77 -8.18 18.88
N PHE A 258 -7.37 -9.15 19.54
CA PHE A 258 -8.82 -9.36 19.45
C PHE A 258 -9.53 -8.67 20.60
N THR A 259 -9.32 -7.36 20.70
CA THR A 259 -10.04 -6.57 21.69
C THR A 259 -11.30 -5.93 21.14
N ASP A 260 -11.54 -6.04 19.84
CA ASP A 260 -12.77 -5.53 19.25
C ASP A 260 -13.40 -6.53 18.29
N THR A 261 -12.99 -7.80 18.36
CA THR A 261 -13.40 -8.80 17.38
C THR A 261 -14.41 -9.73 18.02
N SER A 262 -15.66 -9.63 17.60
CA SER A 262 -16.72 -10.43 18.17
C SER A 262 -16.46 -11.91 17.94
N ILE A 263 -16.75 -12.72 18.94
CA ILE A 263 -16.47 -14.14 18.89
C ILE A 263 -17.80 -14.87 18.75
N ILE A 264 -18.03 -15.49 17.61
CA ILE A 264 -19.16 -16.40 17.47
C ILE A 264 -18.82 -17.68 18.20
N LEU A 265 -19.81 -18.34 18.78
CA LEU A 265 -19.54 -19.52 19.60
C LEU A 265 -20.56 -20.59 19.27
N PHE A 266 -20.12 -21.64 18.60
CA PHE A 266 -20.95 -22.80 18.34
C PHE A 266 -20.67 -23.81 19.42
N LEU A 267 -21.72 -24.31 20.06
CA LEU A 267 -21.60 -25.47 20.93
C LEU A 267 -22.19 -26.65 20.18
N ASN A 268 -21.38 -27.26 19.32
CA ASN A 268 -21.84 -28.35 18.48
C ASN A 268 -21.90 -29.64 19.29
N LYS A 269 -22.11 -30.76 18.60
CA LYS A 269 -22.18 -32.06 19.25
C LYS A 269 -23.21 -32.08 20.37
N LYS A 270 -24.34 -31.42 20.13
CA LYS A 270 -25.37 -31.31 21.14
C LYS A 270 -26.13 -32.61 21.34
N ASP A 271 -26.45 -33.30 20.24
CA ASP A 271 -27.37 -34.43 20.32
C ASP A 271 -26.82 -35.54 21.21
N LEU A 272 -25.56 -35.90 21.04
CA LEU A 272 -24.99 -36.93 21.89
C LEU A 272 -24.68 -36.43 23.29
N PHE A 273 -24.46 -35.12 23.44
CA PHE A 273 -24.38 -34.54 24.78
C PHE A 273 -25.66 -34.78 25.54
N GLU A 274 -26.80 -34.76 24.85
CA GLU A 274 -28.08 -35.09 25.49
C GLU A 274 -28.01 -36.42 26.23
N GLU A 275 -27.75 -37.51 25.50
CA GLU A 275 -27.69 -38.81 26.15
C GLU A 275 -26.56 -38.90 27.16
N LYS A 276 -25.40 -38.32 26.84
CA LYS A 276 -24.25 -38.53 27.69
C LYS A 276 -24.39 -37.79 29.01
N ILE A 277 -25.22 -36.75 29.04
CA ILE A 277 -25.59 -36.13 30.31
C ILE A 277 -26.78 -36.85 30.94
N LYS A 278 -27.61 -37.52 30.14
CA LYS A 278 -28.62 -38.39 30.73
C LYS A 278 -27.99 -39.47 31.59
N LYS A 279 -26.85 -39.99 31.13
CA LYS A 279 -26.16 -41.04 31.87
C LYS A 279 -25.22 -40.46 32.93
N SER A 280 -24.23 -39.65 32.51
CA SER A 280 -23.22 -39.15 33.43
C SER A 280 -23.58 -37.76 33.94
N PRO A 281 -23.18 -37.43 35.17
CA PRO A 281 -23.47 -36.10 35.71
C PRO A 281 -22.48 -35.05 35.25
N LEU A 282 -22.96 -33.80 35.24
CA LEU A 282 -22.12 -32.69 34.81
C LEU A 282 -21.00 -32.38 35.80
N THR A 283 -21.09 -32.89 37.02
CA THR A 283 -20.04 -32.64 37.99
C THR A 283 -18.73 -33.32 37.65
N ILE A 284 -18.73 -34.20 36.66
CA ILE A 284 -17.49 -34.87 36.26
C ILE A 284 -16.46 -33.84 35.81
N CYS A 285 -16.92 -32.78 35.15
CA CYS A 285 -16.02 -31.70 34.75
C CYS A 285 -16.04 -30.54 35.74
N TYR A 286 -17.22 -30.17 36.23
CA TYR A 286 -17.34 -29.03 37.15
C TYR A 286 -17.73 -29.53 38.54
N PRO A 287 -16.78 -29.66 39.46
CA PRO A 287 -17.16 -30.03 40.83
C PRO A 287 -18.10 -29.02 41.47
N GLU A 288 -17.96 -27.75 41.12
CA GLU A 288 -18.73 -26.70 41.76
C GLU A 288 -20.13 -26.58 41.19
N TYR A 289 -20.42 -27.23 40.08
CA TYR A 289 -21.77 -27.18 39.52
C TYR A 289 -22.73 -27.91 40.44
N ALA A 290 -23.83 -27.25 40.77
CA ALA A 290 -24.84 -27.81 41.66
C ALA A 290 -26.20 -27.57 41.00
N GLY A 291 -26.70 -28.58 40.31
CA GLY A 291 -27.98 -28.43 39.63
C GLY A 291 -28.42 -29.75 39.05
N SER A 292 -29.63 -29.74 38.51
CA SER A 292 -30.20 -30.94 37.94
C SER A 292 -29.42 -31.36 36.70
N ASN A 293 -29.44 -32.65 36.41
CA ASN A 293 -28.77 -33.20 35.25
C ASN A 293 -29.60 -33.08 33.99
N THR A 294 -30.64 -32.25 33.99
CA THR A 294 -31.40 -32.00 32.78
C THR A 294 -30.52 -31.31 31.75
N TYR A 295 -30.87 -31.51 30.48
CA TYR A 295 -30.04 -30.96 29.41
C TYR A 295 -30.01 -29.43 29.46
N GLU A 296 -31.15 -28.81 29.74
CA GLU A 296 -31.23 -27.36 29.67
C GLU A 296 -30.30 -26.69 30.69
N GLU A 297 -30.33 -27.16 31.94
CA GLU A 297 -29.50 -26.55 32.96
C GLU A 297 -28.02 -26.71 32.63
N ALA A 298 -27.63 -27.91 32.19
CA ALA A 298 -26.23 -28.14 31.84
C ALA A 298 -25.81 -27.23 30.69
N ALA A 299 -26.65 -27.12 29.66
CA ALA A 299 -26.29 -26.30 28.51
C ALA A 299 -26.15 -24.84 28.90
N ALA A 300 -27.11 -24.32 29.67
CA ALA A 300 -27.00 -22.93 30.09
C ALA A 300 -25.76 -22.72 30.94
N TYR A 301 -25.42 -23.71 31.76
CA TYR A 301 -24.19 -23.62 32.56
C TYR A 301 -22.96 -23.55 31.68
N ILE A 302 -22.90 -24.39 30.64
CA ILE A 302 -21.74 -24.38 29.76
C ILE A 302 -21.62 -23.03 29.09
N GLN A 303 -22.74 -22.51 28.59
CA GLN A 303 -22.70 -21.19 27.97
C GLN A 303 -22.30 -20.14 28.98
N CYS A 304 -22.64 -20.34 30.25
CA CYS A 304 -22.32 -19.36 31.28
C CYS A 304 -20.83 -19.26 31.50
N GLN A 305 -20.16 -20.37 31.82
CA GLN A 305 -18.71 -20.21 31.93
C GLN A 305 -17.94 -20.37 30.64
N PHE A 306 -18.56 -20.26 29.48
CA PHE A 306 -17.75 -19.70 28.43
C PHE A 306 -17.93 -18.19 28.31
N GLU A 307 -19.17 -17.72 28.29
CA GLU A 307 -19.35 -16.30 28.00
C GLU A 307 -18.86 -15.43 29.15
N ASP A 308 -18.57 -16.00 30.32
CA ASP A 308 -18.02 -15.26 31.45
C ASP A 308 -16.51 -15.18 31.45
N LEU A 309 -15.82 -15.73 30.46
CA LEU A 309 -14.40 -15.49 30.34
C LEU A 309 -14.10 -14.20 29.62
N ASN A 310 -15.13 -13.49 29.19
CA ASN A 310 -14.98 -12.24 28.43
C ASN A 310 -14.71 -11.11 29.40
N LYS A 311 -13.45 -10.73 29.55
CA LYS A 311 -13.14 -9.63 30.47
C LYS A 311 -13.72 -8.31 29.97
N ARG A 312 -13.63 -8.05 28.67
CA ARG A 312 -14.00 -6.75 28.12
C ARG A 312 -15.46 -6.76 27.69
N LYS A 313 -16.33 -6.90 28.69
CA LYS A 313 -17.74 -7.14 28.40
C LYS A 313 -18.41 -5.98 27.68
N ASP A 314 -17.76 -4.82 27.57
CA ASP A 314 -18.39 -3.69 26.92
C ASP A 314 -18.02 -3.56 25.45
N THR A 315 -16.87 -4.08 25.04
CA THR A 315 -16.44 -3.97 23.65
C THR A 315 -16.80 -5.21 22.84
N LYS A 316 -16.33 -6.38 23.26
CA LYS A 316 -16.61 -7.62 22.54
C LYS A 316 -17.99 -8.15 22.89
N GLU A 317 -18.60 -8.84 21.93
CA GLU A 317 -19.85 -9.55 22.14
C GLU A 317 -19.65 -11.00 21.75
N ILE A 318 -20.01 -11.91 22.63
CA ILE A 318 -19.77 -13.34 22.43
C ILE A 318 -21.09 -13.95 21.99
N TYR A 319 -21.32 -14.00 20.69
CA TYR A 319 -22.53 -14.65 20.19
C TYR A 319 -22.44 -16.14 20.40
N THR A 320 -23.50 -16.73 20.93
CA THR A 320 -23.52 -18.16 21.23
C THR A 320 -24.68 -18.82 20.53
N HIS A 321 -24.54 -20.11 20.27
CA HIS A 321 -25.55 -20.83 19.50
C HIS A 321 -25.30 -22.32 19.69
N PHE A 322 -26.35 -23.08 19.95
CA PHE A 322 -26.23 -24.52 20.06
C PHE A 322 -26.60 -25.14 18.72
N THR A 323 -25.75 -26.03 18.22
CA THR A 323 -25.94 -26.59 16.90
C THR A 323 -25.67 -28.08 16.90
N CYS A 324 -26.17 -28.72 15.85
CA CYS A 324 -25.97 -30.14 15.59
C CYS A 324 -25.95 -30.32 14.07
N SER A 325 -26.22 -31.53 13.60
CA SER A 325 -26.23 -31.79 12.17
C SER A 325 -27.48 -31.25 11.49
N THR A 326 -28.14 -30.28 12.13
CA THR A 326 -29.41 -29.75 11.66
C THR A 326 -29.25 -28.81 10.47
N ASP A 327 -30.31 -28.08 10.17
CA ASP A 327 -30.48 -27.41 8.89
C ASP A 327 -29.61 -26.15 8.82
N THR A 328 -29.91 -25.30 7.85
CA THR A 328 -29.13 -24.10 7.55
C THR A 328 -29.25 -23.05 8.65
N LYS A 329 -29.83 -23.43 9.79
CA LYS A 329 -29.83 -22.56 10.95
C LYS A 329 -28.43 -22.08 11.27
N ASN A 330 -27.43 -22.92 11.02
CA ASN A 330 -26.07 -22.59 11.40
C ASN A 330 -25.52 -21.43 10.56
N VAL A 331 -25.63 -21.51 9.24
CA VAL A 331 -25.17 -20.40 8.42
C VAL A 331 -26.05 -19.18 8.66
N GLN A 332 -27.34 -19.38 8.89
CA GLN A 332 -28.18 -18.26 9.26
C GLN A 332 -27.62 -17.56 10.47
N PHE A 333 -27.14 -18.32 11.45
CA PHE A 333 -26.60 -17.72 12.65
C PHE A 333 -25.35 -16.92 12.36
N VAL A 334 -24.43 -17.49 11.58
CA VAL A 334 -23.20 -16.76 11.31
C VAL A 334 -23.47 -15.49 10.53
N PHE A 335 -24.37 -15.54 9.57
CA PHE A 335 -24.75 -14.32 8.88
C PHE A 335 -25.34 -13.32 9.86
N ASP A 336 -26.18 -13.79 10.77
CA ASP A 336 -26.82 -12.87 11.70
C ASP A 336 -25.80 -12.20 12.60
N ALA A 337 -24.75 -12.90 12.98
CA ALA A 337 -23.77 -12.32 13.88
C ALA A 337 -22.59 -11.69 13.16
N VAL A 338 -22.56 -11.72 11.85
CA VAL A 338 -21.57 -10.94 11.11
C VAL A 338 -22.19 -9.64 10.63
N THR A 339 -23.48 -9.64 10.38
CA THR A 339 -24.16 -8.39 10.09
C THR A 339 -24.03 -7.44 11.28
N ASP A 340 -24.20 -7.95 12.50
CA ASP A 340 -24.10 -7.08 13.66
C ASP A 340 -22.68 -6.68 13.97
N VAL A 341 -21.67 -7.26 13.33
CA VAL A 341 -20.33 -6.74 13.46
C VAL A 341 -20.03 -5.72 12.38
N ILE A 342 -20.59 -5.91 11.19
CA ILE A 342 -20.44 -4.89 10.15
C ILE A 342 -21.08 -3.60 10.62
N ILE A 343 -22.24 -3.68 11.25
CA ILE A 343 -22.90 -2.48 11.74
C ILE A 343 -22.01 -1.74 12.72
N LYS A 344 -21.44 -2.45 13.68
CA LYS A 344 -20.63 -1.79 14.70
C LYS A 344 -19.34 -1.27 14.14
N ASN A 345 -18.74 -1.96 13.17
CA ASN A 345 -17.53 -1.42 12.57
C ASN A 345 -17.83 -0.17 11.78
N ASN A 346 -18.99 -0.10 11.13
CA ASN A 346 -19.38 1.12 10.44
C ASN A 346 -19.61 2.26 11.42
N LEU A 347 -20.26 1.98 12.54
CA LEU A 347 -20.45 3.04 13.53
C LEU A 347 -19.11 3.52 14.08
N LYS A 348 -18.18 2.61 14.34
CA LYS A 348 -16.87 3.04 14.80
C LYS A 348 -16.16 3.88 13.76
N ASP A 349 -16.20 3.44 12.50
CA ASP A 349 -15.49 4.14 11.43
C ASP A 349 -16.06 5.53 11.21
N CYS A 350 -17.36 5.65 11.23
CA CYS A 350 -17.95 6.97 11.11
C CYS A 350 -17.74 7.81 12.34
N GLY A 351 -16.82 7.45 13.24
CA GLY A 351 -16.59 8.22 14.44
C GLY A 351 -17.78 8.34 15.35
N LEU A 352 -18.88 7.67 15.03
CA LEU A 352 -20.14 7.84 15.71
C LEU A 352 -20.28 6.96 16.94
N PHE A 353 -19.26 6.22 17.32
CA PHE A 353 -19.41 5.23 18.38
C PHE A 353 -18.05 4.81 18.92
N ASP B 5 18.42 -40.23 32.59
CA ASP B 5 18.96 -39.33 33.59
C ASP B 5 20.47 -39.14 33.40
N GLN B 6 21.16 -40.24 33.07
CA GLN B 6 22.60 -40.18 32.86
C GLN B 6 22.92 -39.28 31.67
N LEU B 7 22.12 -39.35 30.61
CA LEU B 7 22.31 -38.45 29.48
C LEU B 7 22.04 -37.02 29.88
N ARG B 8 21.06 -36.80 30.76
CA ARG B 8 20.83 -35.45 31.28
C ARG B 8 22.04 -34.95 32.07
N GLN B 9 22.66 -35.84 32.85
CA GLN B 9 23.87 -35.46 33.58
C GLN B 9 24.99 -35.10 32.61
N GLU B 10 25.16 -35.90 31.55
CA GLU B 10 26.19 -35.58 30.56
C GLU B 10 25.92 -34.25 29.88
N ALA B 11 24.67 -33.98 29.55
CA ALA B 11 24.30 -32.70 28.95
C ALA B 11 24.58 -31.54 29.90
N GLU B 12 24.27 -31.72 31.18
CA GLU B 12 24.58 -30.68 32.17
C GLU B 12 26.07 -30.44 32.27
N GLN B 13 26.86 -31.52 32.25
CA GLN B 13 28.31 -31.37 32.31
C GLN B 13 28.84 -30.63 31.08
N LEU B 14 28.32 -30.97 29.90
CA LEU B 14 28.75 -30.28 28.68
C LEU B 14 28.35 -28.82 28.70
N LYS B 15 27.15 -28.52 29.20
CA LYS B 15 26.73 -27.12 29.33
C LYS B 15 27.63 -26.36 30.30
N ASN B 16 28.01 -27.02 31.41
CA ASN B 16 28.94 -26.39 32.34
C ASN B 16 30.28 -26.13 31.67
N GLN B 17 30.76 -27.09 30.88
CA GLN B 17 32.01 -26.90 30.16
C GLN B 17 31.93 -25.72 29.20
N ILE B 18 30.80 -25.61 28.49
CA ILE B 18 30.63 -24.50 27.55
C ILE B 18 30.58 -23.17 28.29
N ARG B 19 29.84 -23.10 29.40
CA ARG B 19 29.77 -21.84 30.13
C ARG B 19 31.14 -21.47 30.70
N ASP B 20 31.91 -22.46 31.14
CA ASP B 20 33.25 -22.20 31.64
C ASP B 20 34.16 -21.69 30.53
N ALA B 21 34.09 -22.30 29.35
CA ALA B 21 34.90 -21.83 28.23
C ALA B 21 34.51 -20.42 27.84
N ARG B 22 33.21 -20.11 27.90
CA ARG B 22 32.74 -18.76 27.59
C ARG B 22 33.28 -17.75 28.60
N LYS B 23 33.24 -18.10 29.88
CA LYS B 23 33.75 -17.19 30.90
C LYS B 23 35.27 -17.05 30.80
N ALA B 24 35.96 -18.09 30.34
CA ALA B 24 37.41 -18.05 30.28
C ALA B 24 37.92 -16.94 29.38
N CYS B 25 37.30 -16.77 28.21
CA CYS B 25 37.75 -15.77 27.27
C CYS B 25 37.18 -14.38 27.54
N ALA B 26 36.18 -14.26 28.41
CA ALA B 26 35.50 -12.99 28.63
C ALA B 26 36.39 -12.07 29.48
N ASP B 27 37.44 -11.57 28.83
CA ASP B 27 38.40 -10.72 29.52
C ASP B 27 37.82 -9.34 29.82
N ALA B 28 37.19 -8.73 28.82
CA ALA B 28 36.72 -7.36 28.98
C ALA B 28 35.50 -7.13 28.10
N THR B 29 34.67 -6.18 28.50
CA THR B 29 33.51 -5.81 27.72
C THR B 29 33.91 -4.95 26.53
N LEU B 30 33.10 -5.00 25.48
CA LEU B 30 33.35 -4.13 24.34
C LEU B 30 33.16 -2.66 24.69
N SER B 31 32.23 -2.37 25.61
CA SER B 31 31.98 -0.98 25.97
C SER B 31 33.22 -0.34 26.57
N GLN B 32 33.97 -1.09 27.38
CA GLN B 32 35.22 -0.56 27.91
C GLN B 32 36.18 -0.18 26.80
N ILE B 33 36.35 -1.08 25.82
CA ILE B 33 37.29 -0.80 24.73
C ILE B 33 36.83 0.43 23.94
N THR B 34 35.54 0.52 23.64
CA THR B 34 35.07 1.64 22.84
C THR B 34 34.89 2.91 23.65
N ASN B 35 35.12 2.88 24.96
CA ASN B 35 35.00 4.09 25.76
C ASN B 35 35.95 5.19 25.30
N ASN B 36 36.98 4.84 24.54
CA ASN B 36 38.00 5.79 24.12
C ASN B 36 37.82 6.28 22.69
N ILE B 37 36.66 6.05 22.07
CA ILE B 37 36.43 6.53 20.71
C ILE B 37 35.34 7.58 20.76
N ASP B 38 35.33 8.42 19.72
CA ASP B 38 34.46 9.57 19.72
C ASP B 38 33.01 9.15 19.53
N PRO B 39 32.11 9.57 20.39
CA PRO B 39 30.68 9.34 20.17
C PRO B 39 30.16 10.34 19.15
N VAL B 40 29.94 9.87 17.93
CA VAL B 40 29.63 10.78 16.85
C VAL B 40 28.33 10.34 16.20
N GLY B 41 27.49 9.67 16.95
CA GLY B 41 26.28 9.17 16.36
C GLY B 41 25.14 10.15 16.25
N ARG B 42 25.32 11.41 16.64
CA ARG B 42 24.16 12.30 16.69
C ARG B 42 23.67 12.63 15.29
N ILE B 43 22.67 11.91 14.81
CA ILE B 43 22.25 11.98 13.42
C ILE B 43 20.77 12.24 13.31
N GLN B 44 20.38 12.93 12.25
CA GLN B 44 18.99 13.12 11.88
C GLN B 44 18.81 12.59 10.47
N MET B 45 17.85 11.69 10.30
CA MET B 45 17.50 11.16 8.99
C MET B 45 16.12 11.64 8.64
N ARG B 46 16.00 12.29 7.49
CA ARG B 46 14.73 12.83 7.05
C ARG B 46 14.12 11.88 6.04
N THR B 47 12.81 11.73 6.09
CA THR B 47 12.13 10.82 5.19
C THR B 47 12.31 11.32 3.78
N ARG B 48 13.21 10.68 3.03
CA ARG B 48 13.46 11.15 1.68
C ARG B 48 12.34 10.74 0.73
N ARG B 49 11.81 9.53 0.87
CA ARG B 49 10.70 9.09 0.03
C ARG B 49 9.75 8.23 0.83
N THR B 50 8.50 8.21 0.39
CA THR B 50 7.49 7.34 0.95
C THR B 50 6.88 6.53 -0.18
N LEU B 51 6.97 5.23 -0.07
CA LEU B 51 6.50 4.32 -1.10
C LEU B 51 5.12 3.84 -0.68
N ARG B 52 4.08 4.37 -1.31
CA ARG B 52 2.71 4.09 -0.91
C ARG B 52 1.98 3.35 -2.02
N GLY B 53 1.92 2.03 -1.93
CA GLY B 53 1.01 1.30 -2.78
C GLY B 53 0.32 0.13 -2.13
N HIS B 54 0.74 -0.23 -0.92
CA HIS B 54 0.22 -1.42 -0.26
C HIS B 54 -1.03 -1.06 0.52
N LEU B 55 -1.99 -1.97 0.54
CA LEU B 55 -3.27 -1.71 1.17
C LEU B 55 -3.46 -2.52 2.45
N ALA B 56 -2.38 -2.93 3.09
CA ALA B 56 -2.46 -3.67 4.34
C ALA B 56 -1.09 -3.69 5.00
N LYS B 57 -0.98 -4.41 6.10
CA LYS B 57 0.23 -4.35 6.90
C LYS B 57 1.40 -4.97 6.16
N ILE B 58 2.43 -4.19 5.89
CA ILE B 58 3.61 -4.70 5.21
C ILE B 58 4.39 -5.56 6.19
N TYR B 59 4.51 -6.85 5.89
CA TYR B 59 5.26 -7.75 6.75
C TYR B 59 6.70 -7.94 6.37
N ALA B 60 7.09 -7.66 5.14
CA ALA B 60 8.50 -7.83 4.81
C ALA B 60 8.86 -6.95 3.65
N MET B 61 10.16 -6.78 3.47
CA MET B 61 10.70 -6.14 2.29
C MET B 61 12.12 -6.63 2.11
N HIS B 62 12.62 -6.47 0.90
CA HIS B 62 14.01 -6.78 0.63
C HIS B 62 14.54 -5.80 -0.40
N TRP B 63 15.85 -5.69 -0.46
CA TRP B 63 16.51 -4.78 -1.38
C TRP B 63 17.09 -5.58 -2.55
N GLY B 64 17.02 -5.01 -3.75
CA GLY B 64 17.80 -5.55 -4.82
C GLY B 64 19.26 -5.27 -4.62
N THR B 65 20.11 -6.00 -5.35
CA THR B 65 21.53 -5.79 -5.16
C THR B 65 21.96 -4.40 -5.57
N ASP B 66 21.29 -3.78 -6.54
CA ASP B 66 21.74 -2.49 -7.01
C ASP B 66 21.48 -1.37 -6.02
N SER B 67 20.73 -1.63 -4.94
CA SER B 67 20.29 -0.62 -4.01
C SER B 67 19.39 0.40 -4.67
N ARG B 68 18.66 -0.04 -5.67
CA ARG B 68 17.71 0.79 -6.39
C ARG B 68 16.33 0.19 -6.38
N LEU B 69 16.24 -1.14 -6.52
CA LEU B 69 14.98 -1.86 -6.56
C LEU B 69 14.75 -2.58 -5.24
N LEU B 70 13.51 -2.55 -4.76
CA LEU B 70 13.16 -3.27 -3.54
C LEU B 70 11.82 -3.94 -3.72
N VAL B 71 11.71 -5.14 -3.18
CA VAL B 71 10.47 -5.90 -3.16
C VAL B 71 9.86 -5.76 -1.79
N SER B 72 8.53 -5.76 -1.72
CA SER B 72 7.86 -5.74 -0.44
C SER B 72 6.70 -6.70 -0.50
N ALA B 73 6.31 -7.22 0.65
CA ALA B 73 5.20 -8.17 0.74
C ALA B 73 4.25 -7.70 1.83
N SER B 74 2.98 -8.01 1.66
CA SER B 74 2.00 -7.54 2.63
C SER B 74 0.81 -8.47 2.65
N GLN B 75 -0.03 -8.32 3.67
CA GLN B 75 -1.25 -9.09 3.74
C GLN B 75 -2.22 -8.71 2.64
N ASP B 76 -1.95 -7.64 1.92
CA ASP B 76 -2.69 -7.31 0.71
C ASP B 76 -2.75 -8.49 -0.25
N GLY B 77 -1.83 -9.43 -0.13
CA GLY B 77 -1.71 -10.49 -1.09
C GLY B 77 -0.80 -10.17 -2.24
N LYS B 78 -0.17 -9.00 -2.25
CA LYS B 78 0.65 -8.52 -3.34
C LYS B 78 2.12 -8.51 -2.93
N LEU B 79 2.97 -8.51 -3.95
CA LEU B 79 4.41 -8.52 -3.79
C LEU B 79 4.95 -7.51 -4.79
N ILE B 80 5.02 -6.25 -4.40
CA ILE B 80 5.38 -5.18 -5.33
C ILE B 80 6.89 -5.04 -5.38
N ILE B 81 7.42 -4.83 -6.58
CA ILE B 81 8.85 -4.60 -6.80
C ILE B 81 9.01 -3.13 -7.15
N TRP B 82 9.60 -2.34 -6.26
CA TRP B 82 9.62 -0.89 -6.40
C TRP B 82 10.92 -0.39 -6.97
N ASP B 83 10.87 0.80 -7.57
CA ASP B 83 12.05 1.57 -7.90
C ASP B 83 12.22 2.63 -6.82
N SER B 84 13.34 2.61 -6.11
CA SER B 84 13.47 3.54 -5.02
C SER B 84 13.54 4.98 -5.50
N TYR B 85 14.43 5.28 -6.45
CA TYR B 85 14.72 6.67 -6.77
C TYR B 85 13.54 7.41 -7.32
N THR B 86 12.59 6.71 -7.92
CA THR B 86 11.45 7.35 -8.53
C THR B 86 10.13 6.97 -7.89
N THR B 87 10.14 6.08 -6.90
CA THR B 87 8.93 5.55 -6.28
C THR B 87 8.01 4.92 -7.32
N ASN B 88 8.59 4.17 -8.25
CA ASN B 88 7.83 3.50 -9.30
C ASN B 88 7.67 2.03 -8.95
N LYS B 89 6.58 1.45 -9.41
CA LYS B 89 6.34 0.01 -9.27
C LYS B 89 6.72 -0.69 -10.56
N VAL B 90 7.77 -1.48 -10.51
CA VAL B 90 8.20 -2.21 -11.69
C VAL B 90 7.30 -3.43 -11.91
N HIS B 91 6.83 -4.04 -10.84
CA HIS B 91 6.02 -5.25 -10.92
C HIS B 91 5.08 -5.31 -9.73
N ALA B 92 3.99 -6.05 -9.88
CA ALA B 92 3.09 -6.37 -8.78
C ALA B 92 2.63 -7.80 -8.96
N ILE B 93 2.99 -8.67 -8.04
CA ILE B 93 2.89 -10.11 -8.24
C ILE B 93 1.77 -10.64 -7.36
N PRO B 94 0.63 -11.08 -7.91
CA PRO B 94 -0.48 -11.54 -7.07
C PRO B 94 -0.23 -12.96 -6.59
N LEU B 95 -0.22 -13.15 -5.28
CA LEU B 95 0.10 -14.42 -4.68
C LEU B 95 -1.15 -15.26 -4.47
N ARG B 96 -0.95 -16.56 -4.33
CA ARG B 96 -2.05 -17.47 -4.09
C ARG B 96 -2.33 -17.69 -2.62
N SER B 97 -1.74 -16.89 -1.74
CA SER B 97 -2.00 -17.02 -0.31
C SER B 97 -1.64 -15.70 0.34
N SER B 98 -2.67 -14.96 0.78
CA SER B 98 -2.44 -13.63 1.33
C SER B 98 -1.52 -13.64 2.55
N TRP B 99 -1.48 -14.74 3.29
CA TRP B 99 -0.76 -14.79 4.57
C TRP B 99 0.72 -14.94 4.32
N VAL B 100 1.38 -13.81 4.06
CA VAL B 100 2.80 -13.79 3.74
C VAL B 100 3.56 -13.08 4.84
N MET B 101 4.59 -13.73 5.33
CA MET B 101 5.36 -13.27 6.46
C MET B 101 6.79 -12.96 6.07
N THR B 102 7.10 -12.98 4.78
CA THR B 102 8.47 -12.88 4.33
C THR B 102 8.49 -12.56 2.84
N CYS B 103 9.68 -12.24 2.34
CA CYS B 103 9.95 -12.07 0.92
C CYS B 103 11.44 -11.91 0.75
N ALA B 104 11.94 -12.28 -0.42
CA ALA B 104 13.35 -12.20 -0.73
C ALA B 104 13.50 -11.73 -2.17
N TYR B 105 14.65 -11.17 -2.49
CA TYR B 105 14.93 -10.70 -3.85
C TYR B 105 16.31 -11.16 -4.22
N ALA B 106 16.40 -11.94 -5.29
CA ALA B 106 17.63 -12.65 -5.57
C ALA B 106 18.78 -11.68 -5.81
N PRO B 107 19.99 -12.05 -5.41
CA PRO B 107 21.12 -11.14 -5.65
C PRO B 107 21.37 -10.89 -7.11
N SER B 108 20.88 -11.75 -7.99
CA SER B 108 20.95 -11.49 -9.42
C SER B 108 19.80 -10.64 -9.92
N GLY B 109 18.77 -10.44 -9.12
CA GLY B 109 17.63 -9.67 -9.55
C GLY B 109 16.63 -10.43 -10.38
N ASN B 110 16.89 -11.69 -10.69
CA ASN B 110 16.02 -12.44 -11.59
C ASN B 110 14.73 -12.89 -10.91
N TYR B 111 14.81 -13.39 -9.68
CA TYR B 111 13.67 -14.00 -9.02
C TYR B 111 13.33 -13.27 -7.73
N VAL B 112 12.13 -13.54 -7.23
CA VAL B 112 11.75 -13.20 -5.87
C VAL B 112 11.15 -14.44 -5.23
N ALA B 113 10.92 -14.38 -3.93
CA ALA B 113 10.32 -15.46 -3.18
C ALA B 113 9.33 -14.90 -2.18
N CYS B 114 8.43 -15.74 -1.68
CA CYS B 114 7.37 -15.25 -0.82
C CYS B 114 6.78 -16.41 -0.04
N GLY B 115 6.94 -16.39 1.27
CA GLY B 115 6.45 -17.48 2.09
C GLY B 115 5.26 -17.10 2.93
N GLY B 116 4.98 -17.82 4.00
CA GLY B 116 3.91 -17.37 4.86
C GLY B 116 3.32 -18.51 5.67
N LEU B 117 2.02 -18.36 5.95
CA LEU B 117 1.26 -19.33 6.74
C LEU B 117 0.84 -20.55 5.95
N ASP B 118 0.99 -20.53 4.64
CA ASP B 118 0.60 -21.65 3.80
C ASP B 118 1.69 -22.68 3.66
N ASN B 119 2.84 -22.47 4.29
CA ASN B 119 3.98 -23.38 4.35
C ASN B 119 4.73 -23.52 3.04
N ILE B 120 4.34 -22.83 1.97
CA ILE B 120 4.99 -22.96 0.68
C ILE B 120 5.79 -21.70 0.43
N CYS B 121 7.09 -21.86 0.22
CA CYS B 121 7.94 -20.78 -0.27
C CYS B 121 7.83 -20.77 -1.78
N SER B 122 6.96 -19.92 -2.31
CA SER B 122 6.84 -19.82 -3.75
C SER B 122 7.96 -18.96 -4.29
N ILE B 123 8.27 -19.14 -5.58
CA ILE B 123 9.37 -18.43 -6.22
C ILE B 123 8.93 -17.97 -7.60
N TYR B 124 9.17 -16.71 -7.90
CA TYR B 124 8.62 -16.07 -9.09
C TYR B 124 9.73 -15.68 -10.05
N ASN B 125 9.47 -15.83 -11.33
CA ASN B 125 10.44 -15.55 -12.37
C ASN B 125 10.12 -14.18 -12.96
N LEU B 126 11.05 -13.24 -12.84
CA LEU B 126 10.79 -11.87 -13.26
C LEU B 126 11.24 -11.59 -14.68
N LYS B 127 12.34 -12.20 -15.11
CA LYS B 127 12.89 -12.00 -16.45
C LYS B 127 12.45 -13.17 -17.31
N THR B 128 11.41 -12.95 -18.11
CA THR B 128 10.86 -14.01 -18.93
C THR B 128 10.45 -13.42 -20.28
N ARG B 129 10.30 -14.31 -21.26
CA ARG B 129 10.05 -13.83 -22.62
C ARG B 129 8.67 -13.20 -22.75
N GLU B 130 7.66 -13.79 -22.13
CA GLU B 130 6.40 -13.09 -21.98
C GLU B 130 6.62 -11.90 -21.06
N GLY B 131 5.59 -11.09 -20.91
CA GLY B 131 5.80 -9.92 -20.10
C GLY B 131 5.32 -10.05 -18.67
N ASN B 132 5.14 -11.26 -18.19
CA ASN B 132 4.48 -11.46 -16.91
C ASN B 132 5.38 -12.27 -15.98
N VAL B 133 5.28 -11.98 -14.69
CA VAL B 133 5.96 -12.74 -13.68
C VAL B 133 5.12 -13.97 -13.34
N ARG B 134 5.69 -15.15 -13.48
CA ARG B 134 4.96 -16.38 -13.29
C ARG B 134 5.63 -17.23 -12.23
N VAL B 135 4.83 -17.98 -11.48
CA VAL B 135 5.36 -18.78 -10.40
C VAL B 135 6.21 -19.89 -10.98
N SER B 136 7.53 -19.75 -10.87
CA SER B 136 8.40 -20.75 -11.46
C SER B 136 8.40 -22.04 -10.64
N ARG B 137 8.26 -21.92 -9.33
CA ARG B 137 8.29 -23.09 -8.45
C ARG B 137 7.53 -22.78 -7.19
N GLU B 138 7.15 -23.82 -6.46
CA GLU B 138 6.53 -23.69 -5.14
C GLU B 138 7.16 -24.73 -4.24
N LEU B 139 8.01 -24.29 -3.33
CA LEU B 139 8.74 -25.22 -2.48
C LEU B 139 7.85 -25.63 -1.31
N ALA B 140 7.56 -26.92 -1.21
CA ALA B 140 6.57 -27.44 -0.26
C ALA B 140 7.16 -28.59 0.54
N GLY B 141 7.83 -28.28 1.64
CA GLY B 141 8.32 -29.34 2.52
C GLY B 141 8.28 -29.01 3.99
N HIS B 142 7.83 -27.81 4.32
CA HIS B 142 7.71 -27.40 5.71
C HIS B 142 6.30 -27.70 6.20
N THR B 143 6.17 -27.87 7.50
CA THR B 143 4.87 -28.13 8.11
C THR B 143 4.26 -26.89 8.72
N GLY B 144 5.07 -25.95 9.21
CA GLY B 144 4.58 -24.74 9.79
C GLY B 144 4.90 -23.53 8.93
N TYR B 145 4.37 -22.39 9.35
CA TYR B 145 4.53 -21.16 8.59
C TYR B 145 6.00 -20.86 8.35
N LEU B 146 6.31 -20.43 7.14
CA LEU B 146 7.64 -19.92 6.85
C LEU B 146 7.79 -18.52 7.39
N SER B 147 8.93 -18.26 7.99
CA SER B 147 9.15 -16.96 8.59
C SER B 147 10.17 -16.11 7.85
N CYS B 148 11.21 -16.70 7.28
CA CYS B 148 12.20 -15.92 6.57
C CYS B 148 12.72 -16.76 5.41
N CYS B 149 13.15 -16.11 4.35
CA CYS B 149 13.67 -16.79 3.18
C CYS B 149 14.73 -15.92 2.56
N ARG B 150 15.89 -16.51 2.26
CA ARG B 150 16.99 -15.75 1.69
C ARG B 150 17.59 -16.52 0.52
N PHE B 151 17.71 -15.86 -0.62
CA PHE B 151 18.32 -16.47 -1.78
C PHE B 151 19.81 -16.59 -1.58
N LEU B 152 20.37 -17.73 -1.91
CA LEU B 152 21.83 -17.87 -1.98
C LEU B 152 22.34 -17.65 -3.40
N ASP B 153 21.63 -18.18 -4.38
CA ASP B 153 22.01 -18.14 -5.77
C ASP B 153 20.73 -17.90 -6.56
N ASP B 154 20.77 -18.17 -7.85
CA ASP B 154 19.50 -18.28 -8.55
C ASP B 154 18.90 -19.65 -8.42
N ASN B 155 19.61 -20.61 -7.82
CA ASN B 155 19.13 -21.98 -7.76
C ASN B 155 18.88 -22.51 -6.36
N GLN B 156 19.37 -21.86 -5.32
CA GLN B 156 19.13 -22.39 -4.00
C GLN B 156 18.71 -21.30 -3.05
N ILE B 157 17.70 -21.60 -2.24
CA ILE B 157 17.09 -20.68 -1.30
C ILE B 157 17.09 -21.34 0.08
N VAL B 158 17.25 -20.54 1.12
CA VAL B 158 17.15 -21.02 2.49
C VAL B 158 15.94 -20.38 3.15
N THR B 159 15.18 -21.17 3.90
CA THR B 159 13.94 -20.71 4.50
C THR B 159 13.82 -21.24 5.91
N SER B 160 13.18 -20.45 6.77
CA SER B 160 12.97 -20.79 8.16
C SER B 160 11.48 -20.79 8.46
N SER B 161 11.04 -21.81 9.19
CA SER B 161 9.63 -22.12 9.28
C SER B 161 9.22 -22.41 10.71
N GLY B 162 7.97 -22.09 11.00
CA GLY B 162 7.45 -22.32 12.33
C GLY B 162 7.46 -23.76 12.79
N ASP B 163 7.94 -24.68 11.97
CA ASP B 163 8.08 -26.05 12.41
C ASP B 163 9.40 -26.28 13.13
N THR B 164 10.03 -25.22 13.62
CA THR B 164 11.28 -25.24 14.36
C THR B 164 12.49 -25.63 13.52
N THR B 165 12.37 -25.71 12.20
CA THR B 165 13.49 -26.14 11.36
C THR B 165 13.68 -25.20 10.18
N CYS B 166 14.93 -25.11 9.72
CA CYS B 166 15.29 -24.38 8.53
C CYS B 166 15.78 -25.38 7.49
N ALA B 167 15.63 -25.03 6.21
CA ALA B 167 15.99 -25.98 5.15
C ALA B 167 16.38 -25.28 3.86
N LEU B 168 17.63 -25.44 3.48
CA LEU B 168 18.12 -25.00 2.18
C LEU B 168 17.47 -25.82 1.08
N TRP B 169 17.03 -25.16 0.02
CA TRP B 169 16.31 -25.83 -1.04
C TRP B 169 17.14 -25.90 -2.32
N ASP B 170 16.52 -26.48 -3.34
CA ASP B 170 17.10 -26.59 -4.68
C ASP B 170 15.96 -26.40 -5.66
N ILE B 171 15.87 -25.19 -6.22
CA ILE B 171 14.61 -24.74 -6.82
C ILE B 171 14.23 -25.57 -8.03
N GLN B 172 15.18 -25.94 -8.88
CA GLN B 172 14.79 -26.71 -10.06
C GLN B 172 14.21 -28.06 -9.66
N THR B 173 14.82 -28.74 -8.70
CA THR B 173 14.33 -30.04 -8.27
C THR B 173 13.09 -29.92 -7.40
N GLY B 174 12.99 -28.85 -6.62
CA GLY B 174 11.89 -28.68 -5.70
C GLY B 174 12.12 -29.30 -4.34
N GLN B 175 13.27 -29.91 -4.10
CA GLN B 175 13.55 -30.67 -2.88
C GLN B 175 14.41 -29.86 -1.93
N GLN B 176 14.53 -30.39 -0.72
CA GLN B 176 15.42 -29.83 0.29
C GLN B 176 16.75 -30.56 0.22
N THR B 177 17.81 -29.87 -0.15
CA THR B 177 19.07 -30.59 -0.09
C THR B 177 19.62 -30.67 1.32
N THR B 178 19.01 -29.98 2.26
CA THR B 178 19.46 -30.02 3.64
C THR B 178 18.32 -29.52 4.51
N THR B 179 18.22 -30.09 5.70
CA THR B 179 17.32 -29.55 6.72
C THR B 179 18.10 -29.45 8.02
N PHE B 180 18.01 -28.29 8.65
CA PHE B 180 18.71 -28.02 9.89
C PHE B 180 17.73 -28.23 11.04
N THR B 181 18.05 -29.15 11.94
CA THR B 181 17.08 -29.69 12.88
C THR B 181 17.46 -29.43 14.32
N GLY B 182 17.84 -28.21 14.65
CA GLY B 182 18.31 -27.96 16.00
C GLY B 182 17.34 -27.28 16.95
N HIS B 183 16.51 -26.37 16.47
CA HIS B 183 15.80 -25.49 17.37
C HIS B 183 14.73 -26.26 18.14
N THR B 184 14.09 -25.55 19.08
CA THR B 184 13.04 -26.12 19.91
C THR B 184 11.71 -25.39 19.82
N GLY B 185 11.72 -24.09 19.55
CA GLY B 185 10.52 -23.34 19.27
C GLY B 185 10.48 -22.90 17.82
N ASP B 186 9.53 -22.03 17.52
CA ASP B 186 9.45 -21.49 16.17
C ASP B 186 10.75 -20.84 15.81
N VAL B 187 11.10 -20.85 14.52
CA VAL B 187 12.20 -20.04 14.01
C VAL B 187 11.61 -18.89 13.20
N MET B 188 12.04 -17.68 13.50
CA MET B 188 11.37 -16.47 13.04
C MET B 188 12.24 -15.55 12.21
N SER B 189 13.49 -15.90 11.95
CA SER B 189 14.40 -14.92 11.42
C SER B 189 15.55 -15.61 10.74
N LEU B 190 16.19 -14.90 9.84
CA LEU B 190 17.28 -15.50 9.11
C LEU B 190 18.13 -14.40 8.51
N SER B 191 19.42 -14.66 8.41
CA SER B 191 20.32 -13.77 7.72
C SER B 191 21.41 -14.60 7.10
N LEU B 192 22.01 -14.11 6.02
CA LEU B 192 23.10 -14.78 5.36
C LEU B 192 24.37 -13.97 5.52
N ALA B 193 25.42 -14.61 6.02
CA ALA B 193 26.70 -13.94 6.07
C ALA B 193 27.16 -13.66 4.65
N PRO B 194 27.95 -12.61 4.45
CA PRO B 194 28.24 -12.16 3.07
C PRO B 194 28.82 -13.25 2.19
N ASP B 195 29.64 -14.13 2.73
CA ASP B 195 30.17 -15.21 1.91
C ASP B 195 29.13 -16.29 1.64
N THR B 196 27.97 -16.22 2.27
CA THR B 196 26.86 -17.16 2.10
C THR B 196 27.27 -18.59 2.40
N ARG B 197 28.39 -18.80 3.05
CA ARG B 197 28.75 -20.14 3.48
C ARG B 197 28.07 -20.53 4.78
N LEU B 198 27.52 -19.58 5.51
CA LEU B 198 26.88 -19.85 6.79
C LEU B 198 25.78 -18.83 7.01
N PHE B 199 24.91 -19.13 7.96
CA PHE B 199 23.80 -18.24 8.24
C PHE B 199 23.26 -18.53 9.62
N VAL B 200 22.65 -17.51 10.23
CA VAL B 200 22.18 -17.58 11.61
C VAL B 200 20.67 -17.41 11.64
N SER B 201 20.04 -18.08 12.59
CA SER B 201 18.60 -18.08 12.72
C SER B 201 18.23 -17.82 14.16
N GLY B 202 17.19 -17.03 14.37
CA GLY B 202 16.77 -16.68 15.70
C GLY B 202 15.38 -17.18 16.01
N ALA B 203 15.30 -18.17 16.89
CA ALA B 203 14.07 -18.90 17.15
C ALA B 203 13.37 -18.32 18.38
N CYS B 204 12.13 -18.75 18.60
CA CYS B 204 11.36 -18.28 19.74
C CYS B 204 11.63 -19.03 21.03
N ASP B 205 12.59 -19.93 21.06
CA ASP B 205 13.07 -20.39 22.35
C ASP B 205 14.15 -19.46 22.90
N ALA B 206 14.14 -18.21 22.45
CA ALA B 206 15.07 -17.21 22.95
C ALA B 206 16.51 -17.63 22.71
N SER B 207 16.78 -18.17 21.53
CA SER B 207 18.13 -18.56 21.17
C SER B 207 18.38 -18.23 19.72
N ALA B 208 19.65 -18.24 19.37
CA ALA B 208 20.10 -18.09 17.99
C ALA B 208 21.09 -19.21 17.72
N LYS B 209 21.18 -19.62 16.47
CA LYS B 209 22.08 -20.69 16.13
C LYS B 209 22.85 -20.34 14.86
N LEU B 210 24.09 -20.78 14.80
CA LEU B 210 24.96 -20.55 13.66
C LEU B 210 24.97 -21.81 12.81
N TRP B 211 24.20 -21.81 11.75
CA TRP B 211 24.11 -22.97 10.88
C TRP B 211 25.36 -23.07 10.02
N ASP B 212 25.32 -23.92 9.00
CA ASP B 212 26.38 -23.96 8.00
C ASP B 212 25.85 -24.72 6.79
N VAL B 213 25.66 -24.02 5.68
CA VAL B 213 24.77 -24.50 4.62
C VAL B 213 25.28 -25.80 4.03
N ARG B 214 26.56 -25.83 3.64
CA ARG B 214 27.07 -27.01 2.95
C ARG B 214 27.13 -28.22 3.87
N GLU B 215 27.27 -28.00 5.18
CA GLU B 215 27.38 -29.11 6.11
C GLU B 215 26.05 -29.52 6.72
N GLY B 216 25.19 -28.55 7.00
CA GLY B 216 23.94 -28.84 7.68
C GLY B 216 24.05 -28.95 9.18
N MET B 217 25.23 -28.75 9.75
CA MET B 217 25.39 -28.85 11.19
C MET B 217 24.97 -27.55 11.86
N CYS B 218 25.19 -27.47 13.17
CA CYS B 218 24.95 -26.26 13.95
C CYS B 218 26.18 -26.00 14.80
N ARG B 219 26.91 -24.93 14.50
CA ARG B 219 28.23 -24.79 15.09
C ARG B 219 28.20 -24.01 16.41
N GLN B 220 27.37 -22.98 16.50
CA GLN B 220 27.41 -22.07 17.63
C GLN B 220 26.01 -21.84 18.13
N THR B 221 25.88 -21.48 19.40
CA THR B 221 24.57 -21.16 19.94
C THR B 221 24.69 -20.00 20.91
N PHE B 222 23.79 -19.03 20.78
CA PHE B 222 23.81 -17.81 21.58
C PHE B 222 22.48 -17.67 22.28
N THR B 223 22.51 -17.54 23.61
CA THR B 223 21.32 -17.69 24.43
C THR B 223 21.18 -16.50 25.38
N GLY B 224 21.32 -15.30 24.87
CA GLY B 224 21.32 -14.16 25.77
C GLY B 224 19.99 -13.52 26.08
N HIS B 225 18.98 -13.77 25.24
CA HIS B 225 17.75 -13.01 25.38
C HIS B 225 16.85 -13.62 26.43
N GLU B 226 15.81 -12.88 26.79
CA GLU B 226 14.81 -13.34 27.73
C GLU B 226 13.45 -13.54 27.09
N SER B 227 13.38 -13.51 25.77
CA SER B 227 12.16 -13.87 25.07
C SER B 227 12.51 -14.17 23.64
N ASP B 228 11.50 -14.42 22.84
CA ASP B 228 11.69 -14.79 21.46
C ASP B 228 12.45 -13.73 20.69
N ILE B 229 13.10 -14.15 19.61
CA ILE B 229 13.85 -13.26 18.74
C ILE B 229 13.04 -13.02 17.48
N ASN B 230 12.67 -11.79 17.23
CA ASN B 230 11.83 -11.49 16.10
C ASN B 230 12.60 -11.04 14.86
N ALA B 231 13.88 -10.75 14.98
CA ALA B 231 14.64 -10.39 13.80
C ALA B 231 16.11 -10.51 14.12
N ILE B 232 16.88 -10.96 13.14
CA ILE B 232 18.30 -11.14 13.27
C ILE B 232 18.94 -10.46 12.07
N CYS B 233 20.23 -10.14 12.17
CA CYS B 233 20.96 -9.54 11.05
C CYS B 233 22.45 -9.57 11.34
N PHE B 234 23.25 -9.93 10.33
CA PHE B 234 24.70 -9.82 10.43
C PHE B 234 25.25 -8.41 10.44
N PHE B 235 26.36 -8.26 11.15
CA PHE B 235 27.34 -7.25 10.87
C PHE B 235 27.99 -7.53 9.52
N PRO B 236 28.33 -6.49 8.76
CA PRO B 236 28.80 -6.72 7.39
C PRO B 236 30.08 -7.52 7.28
N ASN B 237 30.87 -7.67 8.34
CA ASN B 237 32.00 -8.60 8.25
C ASN B 237 31.54 -10.01 7.97
N GLY B 238 30.29 -10.34 8.29
CA GLY B 238 30.02 -11.73 8.52
C GLY B 238 30.76 -12.26 9.70
N ASN B 239 31.04 -11.41 10.68
CA ASN B 239 31.76 -11.77 11.88
C ASN B 239 30.91 -11.66 13.13
N ALA B 240 29.92 -10.78 13.12
CA ALA B 240 29.03 -10.58 14.26
C ALA B 240 27.63 -10.36 13.73
N PHE B 241 26.64 -10.50 14.60
CA PHE B 241 25.29 -10.27 14.15
C PHE B 241 24.48 -9.71 15.30
N ALA B 242 23.37 -9.08 14.95
CA ALA B 242 22.55 -8.42 15.95
C ALA B 242 21.15 -9.01 15.88
N THR B 243 20.65 -9.43 17.03
CA THR B 243 19.34 -10.05 17.14
C THR B 243 18.42 -9.13 17.91
N GLY B 244 17.21 -8.93 17.41
CA GLY B 244 16.23 -8.12 18.08
C GLY B 244 15.18 -9.01 18.70
N SER B 245 15.02 -8.90 20.00
CA SER B 245 14.07 -9.76 20.69
C SER B 245 12.76 -9.03 20.90
N ASP B 246 11.90 -9.63 21.71
CA ASP B 246 10.64 -9.01 22.06
C ASP B 246 10.66 -8.57 23.51
N ASP B 247 11.79 -8.67 24.18
CA ASP B 247 11.98 -8.06 25.48
C ASP B 247 12.63 -6.69 25.38
N ALA B 248 12.49 -6.04 24.23
CA ALA B 248 12.94 -4.68 23.98
C ALA B 248 14.44 -4.50 24.00
N THR B 249 15.24 -5.56 23.87
CA THR B 249 16.68 -5.44 23.98
C THR B 249 17.35 -6.16 22.83
N CYS B 250 17.66 -5.46 21.76
CA CYS B 250 18.45 -6.07 20.72
C CYS B 250 19.88 -6.21 21.20
N ARG B 251 20.56 -7.21 20.68
CA ARG B 251 21.86 -7.56 21.19
C ARG B 251 22.80 -7.83 20.04
N LEU B 252 24.08 -7.60 20.27
CA LEU B 252 25.10 -7.77 19.26
C LEU B 252 25.99 -8.91 19.69
N PHE B 253 25.68 -10.12 19.22
CA PHE B 253 26.56 -11.27 19.43
C PHE B 253 27.56 -11.32 18.31
N ASP B 254 28.69 -11.95 18.56
CA ASP B 254 29.67 -12.12 17.51
C ASP B 254 29.98 -13.59 17.31
N LEU B 255 30.26 -13.96 16.06
CA LEU B 255 30.52 -15.36 15.78
C LEU B 255 31.71 -15.87 16.57
N ARG B 256 32.78 -15.09 16.57
CA ARG B 256 33.92 -15.40 17.42
C ARG B 256 33.52 -15.22 18.87
N ALA B 257 34.27 -15.85 19.76
CA ALA B 257 34.13 -15.69 21.20
C ALA B 257 32.77 -16.17 21.70
N ASP B 258 31.88 -16.63 20.83
CA ASP B 258 30.75 -17.46 21.21
C ASP B 258 29.79 -16.72 22.15
N GLN B 259 29.93 -15.41 22.29
CA GLN B 259 29.28 -14.74 23.41
C GLN B 259 28.74 -13.38 23.01
N GLU B 260 27.70 -12.95 23.72
CA GLU B 260 27.25 -11.56 23.67
C GLU B 260 28.42 -10.59 23.74
N LEU B 261 28.27 -9.48 23.02
CA LEU B 261 29.16 -8.33 23.15
C LEU B 261 28.46 -7.11 23.71
N MET B 262 27.23 -6.83 23.30
CA MET B 262 26.58 -5.65 23.85
C MET B 262 25.07 -5.79 23.77
N THR B 263 24.40 -5.14 24.70
CA THR B 263 22.95 -5.07 24.76
C THR B 263 22.48 -3.65 24.55
N TYR B 264 21.45 -3.48 23.73
CA TYR B 264 21.00 -2.15 23.35
C TYR B 264 19.63 -1.92 23.95
N SER B 265 19.63 -1.55 25.22
CA SER B 265 18.41 -1.36 25.97
C SER B 265 18.41 0.03 26.57
N HIS B 266 17.22 0.58 26.72
CA HIS B 266 17.08 1.81 27.45
C HIS B 266 15.73 1.74 28.16
N ASP B 267 15.71 2.14 29.43
CA ASP B 267 14.52 1.92 30.24
C ASP B 267 13.31 2.63 29.67
N ASN B 268 13.53 3.59 28.78
CA ASN B 268 12.43 4.32 28.16
C ASN B 268 11.64 3.44 27.19
N ILE B 269 12.30 2.49 26.53
CA ILE B 269 11.66 1.64 25.54
C ILE B 269 11.41 0.28 26.15
N ILE B 270 10.20 -0.23 25.97
CA ILE B 270 9.82 -1.50 26.57
C ILE B 270 9.12 -2.37 25.52
N CYS B 271 8.79 -1.80 24.37
CA CYS B 271 8.18 -2.58 23.30
C CYS B 271 9.21 -3.48 22.64
N GLY B 272 8.72 -4.53 22.01
CA GLY B 272 9.62 -5.51 21.42
C GLY B 272 10.20 -5.05 20.09
N ILE B 273 11.39 -5.54 19.79
CA ILE B 273 12.12 -5.15 18.59
C ILE B 273 11.76 -6.05 17.45
N THR B 274 11.23 -5.47 16.39
CA THR B 274 10.67 -6.21 15.27
C THR B 274 11.69 -6.44 14.16
N SER B 275 12.61 -5.51 13.96
CA SER B 275 13.56 -5.52 12.88
C SER B 275 14.90 -5.08 13.41
N VAL B 276 15.98 -5.55 12.80
CA VAL B 276 17.31 -5.08 13.13
C VAL B 276 18.11 -5.05 11.85
N SER B 277 18.91 -4.00 11.68
CA SER B 277 19.78 -3.90 10.53
C SER B 277 20.91 -2.95 10.86
N PHE B 278 21.97 -3.05 10.11
CA PHE B 278 23.20 -2.32 10.32
C PHE B 278 23.30 -1.25 9.25
N SER B 279 24.45 -0.60 9.15
CA SER B 279 24.72 0.27 8.03
C SER B 279 26.15 0.07 7.58
N LYS B 280 26.39 0.33 6.29
CA LYS B 280 27.56 -0.17 5.59
C LYS B 280 28.82 -0.15 6.44
N SER B 281 29.06 0.94 7.17
CA SER B 281 30.17 0.95 8.11
C SER B 281 30.01 -0.15 9.15
N GLY B 282 28.85 -0.22 9.77
CA GLY B 282 28.64 -1.01 10.96
C GLY B 282 28.67 -0.19 12.22
N ARG B 283 29.27 1.00 12.17
CA ARG B 283 29.25 1.90 13.31
C ARG B 283 27.83 2.32 13.68
N LEU B 284 26.92 2.26 12.74
CA LEU B 284 25.55 2.66 13.03
C LEU B 284 24.73 1.39 13.07
N LEU B 285 23.75 1.33 13.97
CA LEU B 285 22.83 0.21 14.04
C LEU B 285 21.41 0.73 14.13
N LEU B 286 20.59 0.38 13.17
CA LEU B 286 19.20 0.77 13.27
C LEU B 286 18.47 -0.26 14.11
N ALA B 287 17.16 -0.12 14.19
CA ALA B 287 16.31 -1.02 14.94
C ALA B 287 14.89 -0.66 14.58
N GLY B 288 13.96 -1.49 15.00
CA GLY B 288 12.59 -1.21 14.66
C GLY B 288 11.68 -1.75 15.72
N TYR B 289 10.82 -0.92 16.28
CA TYR B 289 10.10 -1.29 17.48
C TYR B 289 8.61 -1.36 17.24
N ASP B 290 7.93 -2.08 18.13
CA ASP B 290 6.49 -2.06 18.13
C ASP B 290 5.95 -0.70 18.50
N ASP B 291 6.77 0.16 19.12
CA ASP B 291 6.28 1.44 19.61
C ASP B 291 6.32 2.50 18.52
N PHE B 292 6.18 2.07 17.28
CA PHE B 292 5.80 2.84 16.12
C PHE B 292 6.98 3.58 15.50
N ASN B 293 8.18 3.49 16.06
CA ASN B 293 9.28 4.23 15.49
C ASN B 293 10.56 3.41 15.58
N CYS B 294 11.48 3.68 14.68
CA CYS B 294 12.78 3.04 14.75
C CYS B 294 13.59 3.69 15.85
N ASN B 295 14.86 3.33 15.93
CA ASN B 295 15.85 3.99 16.74
C ASN B 295 17.05 4.11 15.85
N VAL B 296 18.15 4.60 16.39
CA VAL B 296 19.44 4.47 15.74
C VAL B 296 20.48 4.31 16.82
N TRP B 297 20.98 3.10 17.00
CA TRP B 297 21.87 2.80 18.11
C TRP B 297 23.31 2.89 17.63
N ASP B 298 24.13 3.61 18.38
CA ASP B 298 25.54 3.71 18.03
C ASP B 298 26.22 2.38 18.30
N ALA B 299 26.15 1.48 17.33
CA ALA B 299 26.48 0.08 17.56
C ALA B 299 27.74 -0.14 18.37
N LEU B 300 28.75 0.72 18.21
CA LEU B 300 29.96 0.50 19.00
C LEU B 300 29.85 1.04 20.41
N LYS B 301 28.86 1.86 20.72
CA LYS B 301 28.68 2.44 22.06
C LYS B 301 27.19 2.66 22.25
N ALA B 302 26.52 1.71 22.89
CA ALA B 302 25.07 1.70 22.91
C ALA B 302 24.52 3.04 23.39
N ASP B 303 23.90 3.78 22.48
CA ASP B 303 23.40 5.12 22.76
C ASP B 303 22.35 5.46 21.73
N ARG B 304 21.14 5.83 22.14
CA ARG B 304 20.12 6.07 21.14
C ARG B 304 20.50 7.33 20.38
N ALA B 305 21.34 7.16 19.37
CA ALA B 305 21.91 8.28 18.65
C ALA B 305 20.99 8.78 17.55
N GLY B 306 19.76 9.10 17.89
CA GLY B 306 18.83 9.58 16.88
C GLY B 306 17.61 8.71 16.81
N VAL B 307 16.53 9.17 16.20
CA VAL B 307 15.29 8.42 16.13
C VAL B 307 14.68 8.62 14.75
N LEU B 308 14.23 7.53 14.15
CA LEU B 308 13.53 7.58 12.88
C LEU B 308 12.02 7.57 13.10
N ALA B 309 11.56 8.45 13.97
CA ALA B 309 10.13 8.51 14.24
C ALA B 309 9.40 8.97 12.99
N GLY B 310 8.17 8.50 12.84
CA GLY B 310 7.44 8.87 11.65
C GLY B 310 6.52 7.83 11.08
N HIS B 311 6.45 6.66 11.71
CA HIS B 311 5.54 5.61 11.27
C HIS B 311 4.32 5.59 12.17
N ASP B 312 3.15 5.42 11.56
CA ASP B 312 1.90 5.43 12.29
C ASP B 312 1.57 4.10 12.93
N ASN B 313 2.34 3.04 12.69
CA ASN B 313 2.09 1.76 13.31
C ASN B 313 3.40 1.00 13.41
N ARG B 314 3.32 -0.24 13.88
CA ARG B 314 4.52 -1.01 14.15
C ARG B 314 5.40 -1.11 12.92
N VAL B 315 6.70 -0.90 13.08
CA VAL B 315 7.61 -1.15 11.96
C VAL B 315 7.95 -2.64 11.92
N SER B 316 7.60 -3.28 10.82
CA SER B 316 7.72 -4.70 10.70
C SER B 316 8.91 -5.14 9.88
N CYS B 317 9.58 -4.21 9.22
CA CYS B 317 10.67 -4.56 8.32
C CYS B 317 11.54 -3.35 8.08
N LEU B 318 12.82 -3.60 7.84
CA LEU B 318 13.84 -2.58 7.88
C LEU B 318 15.00 -3.05 7.02
N GLY B 319 15.39 -2.25 6.03
CA GLY B 319 16.50 -2.66 5.22
C GLY B 319 17.39 -1.55 4.70
N VAL B 320 18.66 -1.64 5.00
CA VAL B 320 19.64 -0.68 4.52
C VAL B 320 20.18 -1.13 3.18
N THR B 321 20.17 -0.22 2.20
CA THR B 321 20.57 -0.54 0.83
C THR B 321 21.92 -1.20 0.77
N ASP B 322 22.24 -1.84 -0.34
CA ASP B 322 23.52 -2.54 -0.45
C ASP B 322 24.69 -1.58 -0.42
N ASP B 323 24.56 -0.42 -1.05
CA ASP B 323 25.61 0.58 -1.04
C ASP B 323 25.64 1.38 0.24
N GLY B 324 24.62 1.27 1.07
CA GLY B 324 24.51 2.01 2.31
C GLY B 324 23.82 3.35 2.20
N MET B 325 23.37 3.74 1.02
CA MET B 325 22.97 5.12 0.82
C MET B 325 21.64 5.47 1.47
N ALA B 326 20.84 4.50 1.87
CA ALA B 326 19.55 4.83 2.46
C ALA B 326 19.06 3.65 3.26
N VAL B 327 18.08 3.89 4.11
CA VAL B 327 17.43 2.85 4.89
C VAL B 327 15.95 2.90 4.67
N ALA B 328 15.35 1.76 4.38
CA ALA B 328 13.94 1.69 4.09
C ALA B 328 13.26 0.87 5.16
N THR B 329 12.22 1.44 5.77
CA THR B 329 11.49 0.80 6.85
C THR B 329 10.08 0.60 6.38
N GLY B 330 9.52 -0.57 6.64
CA GLY B 330 8.12 -0.78 6.34
C GLY B 330 7.36 -0.86 7.62
N SER B 331 6.03 -0.77 7.58
CA SER B 331 5.30 -0.75 8.83
C SER B 331 3.85 -1.06 8.59
N TRP B 332 3.19 -1.53 9.63
CA TRP B 332 1.82 -1.98 9.47
C TRP B 332 0.89 -0.90 9.14
N ASP B 333 1.34 0.32 8.90
CA ASP B 333 0.48 1.32 8.29
C ASP B 333 0.52 1.25 6.78
N SER B 334 1.29 0.31 6.23
CA SER B 334 1.33 0.06 4.80
C SER B 334 2.08 1.14 4.05
N PHE B 335 3.14 1.67 4.65
CA PHE B 335 4.00 2.60 3.94
C PHE B 335 5.43 2.19 4.20
N LEU B 336 6.22 2.16 3.15
CA LEU B 336 7.67 2.05 3.24
C LEU B 336 8.24 3.46 3.16
N LYS B 337 9.24 3.74 3.96
CA LYS B 337 9.85 5.05 3.93
C LYS B 337 11.33 4.88 3.69
N ILE B 338 11.95 5.86 3.03
CA ILE B 338 13.38 5.83 2.76
C ILE B 338 14.01 6.96 3.56
N TRP B 339 15.02 6.66 4.37
CA TRP B 339 15.56 7.64 5.31
C TRP B 339 17.03 7.85 5.02
N ASN B 340 17.34 8.73 4.10
CA ASN B 340 18.72 8.92 3.73
C ASN B 340 19.46 9.63 4.85
N ILE C 9 15.10 -41.40 24.47
CA ILE C 9 16.52 -41.50 24.76
C ILE C 9 17.33 -41.17 23.52
N ALA C 10 16.77 -41.49 22.35
CA ALA C 10 17.44 -41.15 21.10
C ALA C 10 17.60 -39.65 20.93
N GLN C 11 16.54 -38.89 21.27
CA GLN C 11 16.62 -37.44 21.17
C GLN C 11 17.69 -36.89 22.13
N ALA C 12 17.71 -37.39 23.36
CA ALA C 12 18.74 -36.94 24.30
C ALA C 12 20.12 -37.34 23.84
N ARG C 13 20.27 -38.54 23.26
CA ARG C 13 21.56 -38.96 22.75
C ARG C 13 22.03 -38.03 21.64
N LYS C 14 21.13 -37.67 20.73
CA LYS C 14 21.50 -36.76 19.65
C LYS C 14 21.85 -35.37 20.18
N LEU C 15 21.10 -34.89 21.18
CA LEU C 15 21.42 -33.58 21.76
C LEU C 15 22.79 -33.57 22.41
N VAL C 16 23.09 -34.63 23.17
CA VAL C 16 24.40 -34.71 23.82
C VAL C 16 25.49 -34.80 22.78
N GLU C 17 25.27 -35.57 21.72
CA GLU C 17 26.26 -35.66 20.65
C GLU C 17 26.49 -34.30 20.00
N GLN C 18 25.41 -33.55 19.76
CA GLN C 18 25.54 -32.23 19.17
C GLN C 18 26.36 -31.31 20.07
N LEU C 19 26.09 -31.33 21.37
CA LEU C 19 26.89 -30.53 22.29
C LEU C 19 28.35 -30.97 22.24
N LYS C 20 28.59 -32.28 22.17
CA LYS C 20 29.96 -32.80 22.18
C LYS C 20 30.72 -32.33 20.95
N MET C 21 30.10 -32.39 19.77
CA MET C 21 30.78 -32.00 18.55
C MET C 21 30.62 -30.52 18.20
N GLU C 22 30.01 -29.71 19.08
CA GLU C 22 30.17 -28.27 18.93
C GLU C 22 31.05 -27.65 20.01
N ALA C 23 31.28 -28.36 21.12
CA ALA C 23 32.10 -27.81 22.19
C ALA C 23 33.56 -27.69 21.76
N ASN C 24 34.10 -28.70 21.09
CA ASN C 24 35.52 -28.75 20.75
C ASN C 24 35.79 -27.79 19.58
N ILE C 25 35.63 -26.50 19.87
CA ILE C 25 35.81 -25.45 18.89
C ILE C 25 36.77 -24.43 19.46
N ASP C 26 37.76 -24.03 18.64
CA ASP C 26 38.72 -23.02 19.05
C ASP C 26 38.03 -21.71 19.42
N ARG C 27 38.47 -21.12 20.52
CA ARG C 27 37.95 -19.82 20.94
C ARG C 27 38.89 -18.71 20.52
N ILE C 28 38.44 -17.48 20.71
CA ILE C 28 39.23 -16.28 20.48
C ILE C 28 39.09 -15.40 21.71
N LYS C 29 39.65 -14.20 21.67
CA LYS C 29 39.63 -13.31 22.82
C LYS C 29 38.59 -12.22 22.58
N VAL C 30 37.77 -11.95 23.60
CA VAL C 30 36.73 -10.95 23.46
C VAL C 30 37.32 -9.58 23.18
N SER C 31 38.45 -9.26 23.82
CA SER C 31 39.03 -7.93 23.65
C SER C 31 39.42 -7.70 22.20
N LYS C 32 40.11 -8.67 21.59
CA LYS C 32 40.49 -8.48 20.20
C LYS C 32 39.28 -8.56 19.27
N ALA C 33 38.26 -9.31 19.66
CA ALA C 33 37.05 -9.34 18.85
C ALA C 33 36.40 -7.97 18.82
N ALA C 34 36.28 -7.33 19.98
CA ALA C 34 35.71 -5.98 20.02
C ALA C 34 36.62 -4.99 19.31
N ALA C 35 37.93 -5.15 19.42
CA ALA C 35 38.84 -4.26 18.71
C ALA C 35 38.68 -4.39 17.21
N ASP C 36 38.55 -5.62 16.71
CA ASP C 36 38.34 -5.82 15.29
C ASP C 36 37.01 -5.23 14.85
N LEU C 37 35.97 -5.42 15.65
CA LEU C 37 34.68 -4.84 15.36
C LEU C 37 34.75 -3.33 15.33
N MET C 38 35.64 -2.74 16.13
CA MET C 38 35.84 -1.30 16.09
C MET C 38 36.62 -0.89 14.85
N ALA C 39 37.66 -1.65 14.51
CA ALA C 39 38.52 -1.29 13.40
C ALA C 39 37.77 -1.33 12.09
N TYR C 40 36.88 -2.31 11.92
CA TYR C 40 36.10 -2.35 10.70
C TYR C 40 35.21 -1.14 10.56
N CYS C 41 34.54 -0.75 11.65
CA CYS C 41 33.67 0.43 11.58
C CYS C 41 34.47 1.69 11.28
N GLU C 42 35.65 1.80 11.87
CA GLU C 42 36.48 2.98 11.63
C GLU C 42 37.00 3.01 10.20
N ALA C 43 37.41 1.85 9.68
CA ALA C 43 38.02 1.81 8.36
C ALA C 43 37.02 2.16 7.26
N HIS C 44 35.87 1.50 7.25
CA HIS C 44 34.84 1.81 6.26
C HIS C 44 33.89 2.86 6.81
N ALA C 45 34.46 3.94 7.31
CA ALA C 45 33.65 4.99 7.90
C ALA C 45 33.21 6.05 6.90
N LYS C 46 34.09 6.43 5.97
CA LYS C 46 33.81 7.54 5.07
C LYS C 46 32.77 7.21 4.02
N GLU C 47 32.70 5.96 3.57
CA GLU C 47 31.77 5.57 2.53
C GLU C 47 30.44 5.10 3.08
N ASP C 48 30.04 5.59 4.25
CA ASP C 48 28.76 5.23 4.86
C ASP C 48 27.82 6.40 4.77
N PRO C 49 26.96 6.48 3.76
CA PRO C 49 26.12 7.66 3.57
C PRO C 49 25.05 7.87 4.62
N LEU C 50 25.03 7.08 5.69
CA LEU C 50 24.12 7.33 6.79
C LEU C 50 24.82 7.90 8.02
N LEU C 51 26.05 7.48 8.28
CA LEU C 51 26.82 8.04 9.38
C LEU C 51 27.29 9.44 9.03
N THR C 52 28.14 9.57 8.01
CA THR C 52 28.60 10.86 7.55
C THR C 52 27.70 11.32 6.44
N PRO C 53 26.76 12.25 6.67
CA PRO C 53 25.79 12.60 5.64
C PRO C 53 26.49 13.08 4.38
N VAL C 54 25.94 12.69 3.25
CA VAL C 54 26.54 12.93 1.94
C VAL C 54 25.90 14.20 1.39
N PRO C 55 26.63 15.06 0.69
CA PRO C 55 26.03 16.30 0.20
C PRO C 55 24.96 16.05 -0.84
N ALA C 56 24.00 16.97 -0.92
CA ALA C 56 22.82 16.79 -1.77
C ALA C 56 23.19 16.70 -3.24
N SER C 57 24.48 16.72 -3.55
CA SER C 57 24.93 16.54 -4.93
C SER C 57 24.73 15.10 -5.37
N GLU C 58 25.45 14.17 -4.77
CA GLU C 58 25.39 12.78 -5.18
C GLU C 58 24.52 11.92 -4.29
N ASN C 59 23.53 12.52 -3.65
CA ASN C 59 22.52 11.83 -2.88
C ASN C 59 21.37 11.43 -3.79
N PRO C 60 21.33 10.19 -4.27
CA PRO C 60 20.34 9.83 -5.29
C PRO C 60 18.92 10.03 -4.86
N PHE C 61 18.62 9.90 -3.58
CA PHE C 61 17.28 10.14 -3.09
C PHE C 61 17.04 11.61 -2.77
N ARG C 62 18.00 12.47 -3.09
CA ARG C 62 17.92 13.91 -2.81
C ARG C 62 18.00 14.17 -1.32
N ALA D 20 -34.86 51.06 21.20
CA ALA D 20 -34.32 50.03 20.32
C ALA D 20 -32.81 50.15 20.19
N GLY D 21 -32.09 49.14 20.69
CA GLY D 21 -30.64 49.13 20.60
C GLY D 21 -30.13 48.19 19.53
N TYR D 22 -29.66 48.76 18.42
CA TYR D 22 -29.15 47.98 17.30
C TYR D 22 -27.64 48.05 17.15
N LEU D 23 -26.99 49.07 17.71
CA LEU D 23 -25.54 49.14 17.66
C LEU D 23 -24.92 47.94 18.38
N PHE D 24 -25.51 47.53 19.50
CA PHE D 24 -25.01 46.34 20.18
C PHE D 24 -25.15 45.11 19.29
N LEU D 25 -26.26 45.00 18.57
CA LEU D 25 -26.46 43.87 17.68
C LEU D 25 -25.44 43.86 16.56
N ASP D 26 -25.11 45.03 16.03
CA ASP D 26 -24.06 45.12 15.02
C ASP D 26 -22.71 44.70 15.61
N ILE D 27 -22.45 45.11 16.85
CA ILE D 27 -21.27 44.64 17.56
C ILE D 27 -21.25 43.11 17.60
N ILE D 28 -22.41 42.52 17.88
CA ILE D 28 -22.52 41.07 17.93
C ILE D 28 -22.13 40.47 16.58
N THR D 29 -22.65 41.04 15.49
CA THR D 29 -22.33 40.48 14.19
C THR D 29 -20.84 40.60 13.86
N TYR D 30 -20.24 41.74 14.18
CA TYR D 30 -18.81 41.89 13.93
C TYR D 30 -18.02 40.84 14.68
N LEU D 31 -18.33 40.66 15.96
CA LEU D 31 -17.58 39.69 16.73
C LEU D 31 -17.82 38.27 16.24
N VAL D 32 -19.03 37.97 15.77
CA VAL D 32 -19.31 36.63 15.27
C VAL D 32 -18.51 36.37 14.00
N PHE D 33 -18.47 37.36 13.10
CA PHE D 33 -17.65 37.22 11.90
C PHE D 33 -16.20 37.00 12.28
N ALA D 34 -15.72 37.75 13.27
CA ALA D 34 -14.33 37.64 13.67
C ALA D 34 -14.01 36.24 14.16
N VAL D 35 -14.83 35.75 15.09
CA VAL D 35 -14.58 34.43 15.66
C VAL D 35 -14.76 33.37 14.60
N THR D 36 -15.73 33.53 13.70
CA THR D 36 -15.92 32.54 12.66
C THR D 36 -14.71 32.48 11.75
N PHE D 37 -14.20 33.64 11.33
CA PHE D 37 -13.02 33.65 10.48
C PHE D 37 -11.87 32.94 11.16
N VAL D 38 -11.55 33.34 12.39
CA VAL D 38 -10.36 32.80 13.02
C VAL D 38 -10.51 31.30 13.28
N LEU D 39 -11.61 30.90 13.94
CA LEU D 39 -11.79 29.49 14.24
C LEU D 39 -11.94 28.66 12.98
N GLY D 40 -12.70 29.12 12.00
CA GLY D 40 -12.87 28.35 10.80
C GLY D 40 -11.56 28.12 10.07
N VAL D 41 -10.80 29.17 9.85
CA VAL D 41 -9.52 29.01 9.16
C VAL D 41 -8.64 28.05 9.93
N LEU D 42 -8.54 28.24 11.25
CA LEU D 42 -7.67 27.38 12.04
C LEU D 42 -8.14 25.93 11.97
N GLY D 43 -9.38 25.67 12.37
CA GLY D 43 -9.84 24.30 12.48
C GLY D 43 -9.86 23.57 11.15
N ASN D 44 -10.37 24.23 10.11
CA ASN D 44 -10.40 23.56 8.81
C ASN D 44 -9.02 23.42 8.22
N GLY D 45 -8.09 24.32 8.53
CA GLY D 45 -6.72 24.06 8.15
C GLY D 45 -6.22 22.79 8.78
N LEU D 46 -6.48 22.63 10.09
CA LEU D 46 -6.04 21.41 10.75
C LEU D 46 -6.68 20.19 10.11
N VAL D 47 -7.97 20.28 9.79
CA VAL D 47 -8.70 19.12 9.28
C VAL D 47 -8.26 18.79 7.86
N ILE D 48 -8.06 19.80 7.02
CA ILE D 48 -7.54 19.54 5.69
C ILE D 48 -6.18 18.88 5.81
N TRP D 49 -5.31 19.43 6.66
CA TRP D 49 -4.01 18.83 6.84
C TRP D 49 -4.12 17.36 7.24
N VAL D 50 -4.88 17.11 8.30
CA VAL D 50 -4.99 15.75 8.85
C VAL D 50 -5.55 14.81 7.81
N ALA D 51 -6.79 15.08 7.36
CA ALA D 51 -7.47 14.16 6.47
C ALA D 51 -6.75 14.01 5.14
N GLY D 52 -6.32 15.12 4.54
CA GLY D 52 -5.70 15.05 3.23
C GLY D 52 -4.34 14.39 3.24
N PHE D 53 -3.52 14.68 4.25
CA PHE D 53 -2.12 14.28 4.20
C PHE D 53 -1.76 13.27 5.28
N ARG D 54 -2.14 13.52 6.53
CA ARG D 54 -1.69 12.66 7.62
C ARG D 54 -2.24 11.25 7.47
N MET D 55 -3.55 11.10 7.48
CA MET D 55 -4.14 9.78 7.45
C MET D 55 -4.09 9.20 6.06
N THR D 56 -4.70 8.03 5.90
CA THR D 56 -4.92 7.45 4.58
C THR D 56 -6.20 8.04 4.01
N HIS D 57 -6.73 7.43 2.95
CA HIS D 57 -7.94 7.94 2.30
C HIS D 57 -8.99 6.84 2.32
N THR D 58 -9.93 6.96 3.24
CA THR D 58 -11.09 6.07 3.31
C THR D 58 -12.32 6.82 2.85
N VAL D 59 -13.39 6.08 2.61
CA VAL D 59 -14.63 6.71 2.16
C VAL D 59 -15.14 7.69 3.18
N THR D 60 -14.74 7.56 4.43
CA THR D 60 -15.12 8.52 5.44
C THR D 60 -14.20 9.73 5.43
N THR D 61 -12.90 9.51 5.33
CA THR D 61 -11.96 10.62 5.33
C THR D 61 -12.11 11.47 4.08
N ILE D 62 -12.28 10.84 2.91
CA ILE D 62 -12.43 11.65 1.70
C ILE D 62 -13.83 12.23 1.57
N SER D 63 -14.66 12.09 2.60
CA SER D 63 -15.90 12.83 2.71
C SER D 63 -15.86 13.89 3.79
N TYR D 64 -15.03 13.70 4.81
CA TYR D 64 -14.76 14.77 5.77
C TYR D 64 -13.83 15.81 5.16
N LEU D 65 -12.92 15.37 4.30
CA LEU D 65 -12.00 16.28 3.62
C LEU D 65 -12.75 17.25 2.74
N ASN D 66 -13.73 16.76 1.98
CA ASN D 66 -14.50 17.63 1.13
C ASN D 66 -15.24 18.67 1.94
N LEU D 67 -15.83 18.27 3.05
CA LEU D 67 -16.52 19.23 3.88
C LEU D 67 -15.53 20.25 4.45
N ALA D 68 -14.34 19.79 4.82
CA ALA D 68 -13.32 20.70 5.33
C ALA D 68 -12.90 21.71 4.28
N VAL D 69 -12.70 21.26 3.04
CA VAL D 69 -12.33 22.17 1.97
C VAL D 69 -13.45 23.18 1.73
N ALA D 70 -14.68 22.69 1.61
CA ALA D 70 -15.80 23.55 1.31
C ALA D 70 -16.03 24.58 2.39
N ASP D 71 -15.63 24.29 3.63
CA ASP D 71 -15.78 25.32 4.64
C ASP D 71 -14.53 26.17 4.78
N PHE D 72 -13.37 25.61 4.48
CA PHE D 72 -12.14 26.37 4.62
C PHE D 72 -12.10 27.52 3.64
N CYS D 73 -12.43 27.27 2.38
CA CYS D 73 -12.37 28.34 1.41
C CYS D 73 -13.32 29.47 1.81
N PHE D 74 -14.53 29.13 2.24
CA PHE D 74 -15.48 30.14 2.63
C PHE D 74 -15.01 30.93 3.84
N THR D 75 -14.55 30.24 4.87
CA THR D 75 -14.08 30.93 6.07
C THR D 75 -12.93 31.86 5.74
N SER D 76 -11.99 31.40 4.90
CA SER D 76 -10.88 32.25 4.51
C SER D 76 -11.38 33.51 3.80
N THR D 77 -12.43 33.40 3.01
CA THR D 77 -12.91 34.58 2.31
C THR D 77 -13.87 35.43 3.13
N LEU D 78 -14.19 35.02 4.35
CA LEU D 78 -15.04 35.86 5.21
C LEU D 78 -14.55 37.30 5.45
N PRO D 79 -13.25 37.58 5.62
CA PRO D 79 -12.85 38.97 5.92
C PRO D 79 -13.29 39.97 4.86
N PHE D 80 -13.44 39.53 3.61
CA PHE D 80 -13.95 40.42 2.59
C PHE D 80 -15.38 40.84 2.89
N PHE D 81 -16.10 40.07 3.70
CA PHE D 81 -17.41 40.50 4.18
C PHE D 81 -17.26 41.38 5.40
N MET D 82 -16.23 41.08 6.21
CA MET D 82 -15.98 41.94 7.37
C MET D 82 -15.73 43.38 6.92
N VAL D 83 -14.96 43.55 5.85
CA VAL D 83 -14.60 44.90 5.42
C VAL D 83 -15.82 45.64 4.91
N ARG D 84 -16.70 44.97 4.17
CA ARG D 84 -17.93 45.63 3.73
C ARG D 84 -18.76 46.04 4.92
N LYS D 85 -18.92 45.15 5.90
CA LYS D 85 -19.74 45.51 7.05
C LYS D 85 -19.16 46.69 7.80
N ALA D 86 -17.84 46.69 7.98
CA ALA D 86 -17.19 47.80 8.70
C ALA D 86 -17.32 49.10 7.93
N MET D 87 -17.10 49.05 6.62
CA MET D 87 -17.00 50.22 5.78
C MET D 87 -18.34 50.66 5.23
N GLY D 88 -19.44 50.18 5.80
CA GLY D 88 -20.74 50.43 5.22
C GLY D 88 -20.82 49.78 3.85
N GLY D 89 -22.01 49.84 3.27
CA GLY D 89 -22.15 49.21 1.97
C GLY D 89 -21.16 49.82 1.00
N HIS D 90 -20.08 49.10 0.73
CA HIS D 90 -19.03 49.60 -0.15
C HIS D 90 -18.03 48.48 -0.41
N TRP D 91 -17.62 48.34 -1.66
CA TRP D 91 -16.63 47.35 -2.04
C TRP D 91 -15.38 48.08 -2.51
N PRO D 92 -14.35 48.20 -1.68
CA PRO D 92 -13.14 48.90 -2.09
C PRO D 92 -12.21 48.08 -2.97
N PHE D 93 -12.62 46.90 -3.39
CA PHE D 93 -11.78 46.02 -4.18
C PHE D 93 -12.21 46.11 -5.64
N GLY D 94 -11.59 45.28 -6.48
CA GLY D 94 -11.76 45.38 -7.90
C GLY D 94 -13.06 44.75 -8.37
N TRP D 95 -13.15 44.62 -9.69
CA TRP D 95 -14.21 43.81 -10.28
C TRP D 95 -13.92 42.33 -10.12
N PHE D 96 -12.68 41.91 -10.41
CA PHE D 96 -12.33 40.51 -10.24
C PHE D 96 -11.79 40.30 -8.82
N LEU D 97 -12.55 40.79 -7.90
CA LEU D 97 -12.69 40.29 -6.54
C LEU D 97 -14.14 40.21 -6.14
N CYS D 98 -14.96 41.12 -6.62
CA CYS D 98 -16.39 40.97 -6.39
C CYS D 98 -16.94 39.81 -7.20
N LYS D 99 -16.29 39.44 -8.29
CA LYS D 99 -16.69 38.26 -9.04
C LYS D 99 -16.11 36.98 -8.46
N PHE D 100 -14.99 37.08 -7.76
CA PHE D 100 -14.25 35.91 -7.30
C PHE D 100 -14.39 35.66 -5.80
N VAL D 101 -15.00 36.57 -5.07
CA VAL D 101 -15.38 36.33 -3.69
C VAL D 101 -16.78 35.76 -3.61
N PHE D 102 -17.72 36.38 -4.29
CA PHE D 102 -19.08 35.87 -4.20
C PHE D 102 -19.18 34.48 -4.80
N THR D 103 -18.45 34.22 -5.88
CA THR D 103 -18.48 32.86 -6.43
C THR D 103 -17.85 31.86 -5.47
N ILE D 104 -16.70 32.19 -4.89
CA ILE D 104 -16.03 31.23 -4.04
C ILE D 104 -16.74 31.10 -2.70
N VAL D 105 -17.62 32.03 -2.37
CA VAL D 105 -18.45 31.89 -1.18
C VAL D 105 -19.70 31.09 -1.49
N ASP D 106 -20.30 31.29 -2.64
CA ASP D 106 -21.56 30.62 -2.87
C ASP D 106 -21.36 29.22 -3.43
N ILE D 107 -20.20 28.91 -4.00
CA ILE D 107 -19.86 27.50 -4.21
C ILE D 107 -19.82 26.77 -2.89
N ASN D 108 -19.16 27.36 -1.91
CA ASN D 108 -18.70 26.61 -0.76
C ASN D 108 -19.63 26.70 0.43
N LEU D 109 -20.48 27.70 0.52
CA LEU D 109 -21.54 27.68 1.50
C LEU D 109 -22.68 26.82 1.06
N PHE D 110 -22.56 26.17 -0.08
CA PHE D 110 -23.73 25.65 -0.70
C PHE D 110 -23.46 24.29 -1.27
N GLY D 111 -22.20 23.92 -1.41
CA GLY D 111 -21.73 22.56 -1.47
C GLY D 111 -21.13 22.09 -0.17
N SER D 112 -21.35 22.81 0.92
CA SER D 112 -21.08 22.35 2.26
C SER D 112 -22.33 21.76 2.89
N VAL D 113 -23.48 22.40 2.67
CA VAL D 113 -24.73 21.82 3.09
C VAL D 113 -24.95 20.49 2.38
N PHE D 114 -24.59 20.42 1.11
CA PHE D 114 -24.75 19.17 0.36
C PHE D 114 -23.83 18.08 0.90
N LEU D 115 -22.62 18.44 1.27
CA LEU D 115 -21.71 17.45 1.82
C LEU D 115 -22.14 16.99 3.19
N ILE D 116 -22.74 17.87 3.99
CA ILE D 116 -23.30 17.43 5.26
C ILE D 116 -24.44 16.45 5.04
N ALA D 117 -25.32 16.77 4.11
CA ALA D 117 -26.40 15.84 3.78
C ALA D 117 -25.85 14.52 3.30
N LEU D 118 -24.79 14.55 2.49
CA LEU D 118 -24.20 13.31 1.99
C LEU D 118 -23.59 12.49 3.10
N ILE D 119 -22.96 13.14 4.08
CA ILE D 119 -22.40 12.38 5.18
C ILE D 119 -23.50 11.73 6.00
N ALA D 120 -24.60 12.44 6.23
CA ALA D 120 -25.71 11.82 6.95
C ALA D 120 -26.25 10.62 6.20
N LEU D 121 -26.41 10.75 4.89
CA LEU D 121 -26.91 9.64 4.08
C LEU D 121 -25.94 8.47 4.08
N ASP D 122 -24.65 8.75 4.04
CA ASP D 122 -23.66 7.69 4.11
C ASP D 122 -23.72 6.95 5.43
N ARG D 123 -23.88 7.66 6.54
CA ARG D 123 -23.98 6.97 7.83
C ARG D 123 -25.23 6.10 7.88
N CYS D 124 -26.35 6.64 7.41
CA CYS D 124 -27.58 5.85 7.43
C CYS D 124 -27.46 4.59 6.63
N VAL D 125 -26.85 4.66 5.44
CA VAL D 125 -26.71 3.45 4.66
C VAL D 125 -25.68 2.51 5.28
N CYS D 126 -24.65 3.05 5.91
CA CYS D 126 -23.65 2.19 6.53
C CYS D 126 -24.22 1.40 7.69
N VAL D 127 -25.28 1.89 8.32
CA VAL D 127 -25.89 1.14 9.41
C VAL D 127 -27.09 0.33 8.95
N LEU D 128 -27.93 0.89 8.09
CA LEU D 128 -29.15 0.19 7.72
C LEU D 128 -28.91 -0.96 6.76
N HIS D 129 -27.88 -0.87 5.93
CA HIS D 129 -27.61 -1.89 4.90
C HIS D 129 -26.18 -2.33 5.02
N PRO D 130 -25.85 -3.09 6.06
CA PRO D 130 -24.48 -3.56 6.21
C PRO D 130 -24.04 -4.41 5.06
N VAL D 131 -24.95 -5.15 4.43
CA VAL D 131 -24.57 -6.01 3.32
C VAL D 131 -24.17 -5.17 2.12
N TRP D 132 -24.98 -4.18 1.79
CA TRP D 132 -24.66 -3.36 0.63
C TRP D 132 -23.35 -2.64 0.82
N THR D 133 -23.18 -1.97 1.96
CA THR D 133 -21.92 -1.27 2.18
C THR D 133 -20.77 -2.21 2.38
N GLN D 134 -21.02 -3.47 2.67
CA GLN D 134 -19.89 -4.39 2.66
C GLN D 134 -19.47 -4.68 1.23
N ASN D 135 -20.44 -4.81 0.32
CA ASN D 135 -20.12 -5.15 -1.06
C ASN D 135 -19.72 -3.95 -1.90
N HIS D 136 -20.41 -2.83 -1.78
CA HIS D 136 -20.29 -1.80 -2.80
C HIS D 136 -19.70 -0.49 -2.32
N ARG D 137 -19.73 -0.18 -1.03
CA ARG D 137 -19.19 1.08 -0.57
C ARG D 137 -17.67 1.02 -0.60
N THR D 138 -17.09 1.51 -1.69
CA THR D 138 -15.65 1.54 -1.87
C THR D 138 -15.23 2.97 -2.21
N VAL D 139 -13.92 3.20 -2.20
CA VAL D 139 -13.43 4.54 -2.47
C VAL D 139 -13.74 4.95 -3.89
N SER D 140 -13.76 4.00 -4.81
CA SER D 140 -14.12 4.33 -6.20
C SER D 140 -15.52 4.92 -6.27
N LEU D 141 -16.47 4.28 -5.59
CA LEU D 141 -17.82 4.82 -5.56
C LEU D 141 -17.86 6.16 -4.85
N ALA D 142 -17.03 6.35 -3.83
CA ALA D 142 -17.00 7.64 -3.15
C ALA D 142 -16.55 8.73 -4.10
N LYS D 143 -15.50 8.47 -4.87
CA LYS D 143 -15.01 9.48 -5.80
C LYS D 143 -16.03 9.76 -6.89
N LYS D 144 -16.76 8.74 -7.31
CA LYS D 144 -17.82 9.00 -8.28
C LYS D 144 -18.94 9.85 -7.69
N VAL D 145 -19.33 9.57 -6.44
CA VAL D 145 -20.47 10.27 -5.85
C VAL D 145 -20.10 11.69 -5.46
N ILE D 146 -18.88 11.88 -4.96
CA ILE D 146 -18.47 13.14 -4.36
C ILE D 146 -18.54 14.28 -5.37
N ILE D 147 -18.53 13.95 -6.66
CA ILE D 147 -18.71 14.95 -7.69
C ILE D 147 -20.13 15.47 -7.69
N GLY D 148 -21.06 14.78 -7.04
CA GLY D 148 -22.43 15.22 -6.96
C GLY D 148 -22.62 16.55 -6.29
N PRO D 149 -22.22 16.65 -5.01
CA PRO D 149 -22.38 17.93 -4.30
C PRO D 149 -21.71 19.10 -4.99
N TRP D 150 -20.51 18.89 -5.51
CA TRP D 150 -19.79 20.01 -6.11
C TRP D 150 -20.43 20.45 -7.41
N VAL D 151 -20.80 19.50 -8.26
CA VAL D 151 -21.45 19.85 -9.51
C VAL D 151 -22.78 20.53 -9.24
N MET D 152 -23.55 20.04 -8.27
CA MET D 152 -24.81 20.69 -7.95
C MET D 152 -24.60 22.10 -7.42
N ALA D 153 -23.56 22.29 -6.61
CA ALA D 153 -23.25 23.63 -6.11
C ALA D 153 -22.89 24.57 -7.24
N LEU D 154 -22.05 24.12 -8.16
CA LEU D 154 -21.67 24.94 -9.30
C LEU D 154 -22.89 25.29 -10.14
N LEU D 155 -23.73 24.30 -10.41
CA LEU D 155 -24.91 24.52 -11.23
C LEU D 155 -25.84 25.53 -10.59
N LEU D 156 -25.98 25.49 -9.26
CA LEU D 156 -26.87 26.44 -8.62
C LEU D 156 -26.21 27.78 -8.32
N THR D 157 -24.90 27.88 -8.43
CA THR D 157 -24.26 29.16 -8.21
C THR D 157 -23.99 29.92 -9.49
N LEU D 158 -24.22 29.31 -10.64
CA LEU D 158 -24.09 30.03 -11.91
C LEU D 158 -24.65 31.46 -11.87
N PRO D 159 -25.82 31.70 -11.25
CA PRO D 159 -26.29 33.09 -11.18
C PRO D 159 -25.30 34.03 -10.53
N VAL D 160 -24.58 33.58 -9.50
CA VAL D 160 -23.54 34.43 -8.92
C VAL D 160 -22.41 34.66 -9.92
N ILE D 161 -21.99 33.62 -10.62
CA ILE D 161 -20.89 33.79 -11.56
C ILE D 161 -21.27 34.78 -12.65
N ILE D 162 -22.56 34.88 -12.99
CA ILE D 162 -22.92 35.76 -14.09
C ILE D 162 -23.18 37.18 -13.63
N ARG D 163 -24.25 37.39 -12.87
CA ARG D 163 -24.75 38.74 -12.59
C ARG D 163 -24.38 39.18 -11.18
N VAL D 164 -23.12 39.50 -10.95
CA VAL D 164 -22.76 40.01 -9.64
C VAL D 164 -21.82 41.20 -9.77
N THR D 165 -21.77 41.79 -10.95
CA THR D 165 -20.79 42.84 -11.23
C THR D 165 -20.91 44.00 -10.27
N THR D 166 -19.79 44.62 -9.96
CA THR D 166 -19.77 45.76 -9.05
C THR D 166 -20.65 46.87 -9.59
N VAL D 167 -21.36 47.54 -8.69
CA VAL D 167 -22.19 48.66 -9.10
C VAL D 167 -21.86 49.87 -8.23
N PRO D 168 -21.94 51.08 -8.77
CA PRO D 168 -21.67 52.27 -7.96
C PRO D 168 -22.90 52.64 -7.13
N GLY D 169 -22.71 53.60 -6.24
CA GLY D 169 -23.77 54.04 -5.35
C GLY D 169 -24.20 55.46 -5.67
N LYS D 170 -25.50 55.72 -5.50
CA LYS D 170 -26.05 57.03 -5.82
C LYS D 170 -25.44 58.10 -4.93
N THR D 171 -25.33 57.83 -3.63
CA THR D 171 -24.67 58.76 -2.73
C THR D 171 -23.17 58.87 -3.01
N GLY D 172 -22.60 57.87 -3.67
CA GLY D 172 -21.19 57.83 -3.99
C GLY D 172 -20.50 56.75 -3.20
N THR D 173 -20.37 55.59 -3.84
CA THR D 173 -19.74 54.39 -3.29
C THR D 173 -19.71 53.34 -4.39
N VAL D 174 -19.27 52.13 -4.06
CA VAL D 174 -19.39 51.02 -4.98
C VAL D 174 -19.52 49.74 -4.15
N ALA D 175 -20.53 48.93 -4.45
CA ALA D 175 -20.84 47.79 -3.61
C ALA D 175 -20.85 46.53 -4.47
N CYS D 176 -21.11 45.40 -3.83
CA CYS D 176 -21.27 44.12 -4.49
C CYS D 176 -22.71 43.67 -4.35
N THR D 177 -23.44 43.64 -5.45
CA THR D 177 -24.81 43.17 -5.44
C THR D 177 -25.02 42.37 -6.71
N PHE D 178 -26.28 42.12 -7.06
CA PHE D 178 -26.63 41.45 -8.29
C PHE D 178 -27.09 42.49 -9.29
N ASN D 179 -26.53 42.45 -10.49
CA ASN D 179 -26.96 43.38 -11.53
C ASN D 179 -28.38 43.05 -11.98
N PHE D 180 -28.58 41.84 -12.49
CA PHE D 180 -29.89 41.31 -12.85
C PHE D 180 -30.52 42.07 -13.99
N SER D 181 -29.87 43.13 -14.43
CA SER D 181 -30.26 43.87 -15.61
C SER D 181 -29.08 44.74 -16.03
N PRO D 182 -28.07 44.18 -16.70
CA PRO D 182 -26.99 45.03 -17.21
C PRO D 182 -27.51 46.15 -18.09
N TRP D 183 -28.56 45.90 -18.86
CA TRP D 183 -29.25 46.97 -19.53
C TRP D 183 -30.07 47.76 -18.51
N THR D 184 -29.86 49.06 -18.46
CA THR D 184 -30.60 49.93 -17.53
C THR D 184 -31.55 50.78 -18.36
N ASN D 185 -32.83 50.45 -18.31
CA ASN D 185 -33.85 51.21 -19.02
C ASN D 185 -34.78 51.97 -18.10
N ASP D 186 -35.10 51.44 -16.94
CA ASP D 186 -36.03 52.10 -16.03
C ASP D 186 -35.84 51.57 -14.61
N PRO D 187 -35.89 52.43 -13.61
CA PRO D 187 -35.82 51.93 -12.22
C PRO D 187 -36.91 50.92 -11.91
N LYS D 188 -38.14 51.14 -12.38
CA LYS D 188 -39.21 50.21 -12.07
C LYS D 188 -39.00 48.86 -12.75
N GLU D 189 -38.60 48.88 -14.03
CA GLU D 189 -38.29 47.62 -14.71
C GLU D 189 -37.14 46.91 -14.05
N ARG D 190 -36.12 47.67 -13.62
CA ARG D 190 -35.00 47.07 -12.88
C ARG D 190 -35.49 46.40 -11.62
N ILE D 191 -36.36 47.07 -10.87
CA ILE D 191 -36.90 46.48 -9.65
C ILE D 191 -37.68 45.21 -9.97
N ASN D 192 -38.49 45.24 -11.01
CA ASN D 192 -39.29 44.06 -11.33
C ASN D 192 -38.41 42.88 -11.68
N VAL D 193 -37.41 43.08 -12.55
CA VAL D 193 -36.58 41.95 -12.93
C VAL D 193 -35.78 41.45 -11.75
N ALA D 194 -35.24 42.36 -10.94
CA ALA D 194 -34.48 41.94 -9.77
C ALA D 194 -35.38 41.16 -8.81
N VAL D 195 -36.62 41.61 -8.62
CA VAL D 195 -37.52 40.94 -7.70
C VAL D 195 -37.83 39.54 -8.19
N ALA D 196 -38.13 39.40 -9.48
CA ALA D 196 -38.46 38.08 -10.00
C ALA D 196 -37.27 37.13 -9.85
N MET D 197 -36.09 37.58 -10.27
CA MET D 197 -34.93 36.69 -10.21
C MET D 197 -34.56 36.40 -8.75
N LEU D 198 -34.73 37.37 -7.87
CA LEU D 198 -34.43 37.13 -6.46
C LEU D 198 -35.43 36.15 -5.85
N THR D 199 -36.69 36.20 -6.26
CA THR D 199 -37.64 35.23 -5.76
C THR D 199 -37.28 33.82 -6.21
N VAL D 200 -36.88 33.69 -7.47
CA VAL D 200 -36.40 32.38 -7.93
C VAL D 200 -35.22 31.93 -7.09
N ARG D 201 -34.28 32.85 -6.86
CA ARG D 201 -33.10 32.51 -6.08
C ARG D 201 -33.48 32.06 -4.68
N GLY D 202 -34.41 32.78 -4.04
CA GLY D 202 -34.81 32.45 -2.69
C GLY D 202 -35.52 31.11 -2.59
N ILE D 203 -36.37 30.81 -3.58
CA ILE D 203 -37.04 29.52 -3.58
C ILE D 203 -36.03 28.40 -3.72
N ILE D 204 -35.09 28.54 -4.65
CA ILE D 204 -34.06 27.53 -4.79
C ILE D 204 -33.29 27.38 -3.50
N ARG D 205 -32.90 28.51 -2.90
CA ARG D 205 -32.15 28.47 -1.66
C ARG D 205 -32.88 27.67 -0.60
N PHE D 206 -34.09 28.11 -0.25
CA PHE D 206 -34.86 27.41 0.77
C PHE D 206 -34.98 25.93 0.45
N ILE D 207 -35.60 25.60 -0.67
CA ILE D 207 -35.88 24.19 -0.97
C ILE D 207 -34.61 23.37 -0.97
N ILE D 208 -33.71 23.65 -1.92
CA ILE D 208 -32.57 22.78 -2.16
C ILE D 208 -31.44 22.97 -1.16
N GLY D 209 -31.51 23.94 -0.27
CA GLY D 209 -30.43 24.12 0.66
C GLY D 209 -30.82 23.87 2.09
N PHE D 210 -32.10 24.01 2.40
CA PHE D 210 -32.61 23.74 3.73
C PHE D 210 -33.61 22.61 3.75
N SER D 211 -34.57 22.60 2.83
CA SER D 211 -35.59 21.58 2.87
C SER D 211 -34.99 20.20 2.64
N ALA D 212 -34.10 20.09 1.64
CA ALA D 212 -33.51 18.78 1.36
C ALA D 212 -32.51 18.36 2.43
N PRO D 213 -31.41 19.08 2.65
CA PRO D 213 -30.45 18.60 3.66
C PRO D 213 -31.03 18.46 5.06
N MET D 214 -32.01 19.29 5.45
CA MET D 214 -32.74 18.95 6.67
C MET D 214 -33.82 17.91 6.45
N SER D 215 -34.06 17.49 5.22
CA SER D 215 -34.83 16.26 5.11
C SER D 215 -33.92 15.05 5.22
N ILE D 216 -32.82 15.04 4.46
CA ILE D 216 -31.92 13.87 4.52
C ILE D 216 -31.32 13.71 5.91
N VAL D 217 -30.87 14.79 6.53
CA VAL D 217 -30.23 14.62 7.82
C VAL D 217 -31.23 14.10 8.84
N ALA D 218 -32.41 14.69 8.89
CA ALA D 218 -33.41 14.27 9.86
C ALA D 218 -33.81 12.83 9.63
N VAL D 219 -34.13 12.46 8.39
CA VAL D 219 -34.58 11.12 8.10
C VAL D 219 -33.48 10.11 8.38
N SER D 220 -32.28 10.36 7.87
CA SER D 220 -31.20 9.40 7.94
C SER D 220 -30.50 9.41 9.27
N TYR D 221 -30.91 10.26 10.20
CA TYR D 221 -30.50 10.06 11.58
C TYR D 221 -31.62 9.49 12.43
N GLY D 222 -32.87 9.75 12.09
CA GLY D 222 -33.96 9.04 12.75
C GLY D 222 -33.90 7.55 12.48
N LEU D 223 -33.54 7.17 11.27
CA LEU D 223 -33.45 5.73 10.96
C LEU D 223 -32.34 5.07 11.76
N ILE D 224 -31.19 5.73 11.91
CA ILE D 224 -30.14 5.17 12.75
C ILE D 224 -30.62 5.06 14.19
N ALA D 225 -31.32 6.08 14.68
CA ALA D 225 -31.82 6.01 16.05
C ALA D 225 -32.76 4.83 16.23
N THR D 226 -33.70 4.65 15.31
CA THR D 226 -34.64 3.55 15.44
C THR D 226 -33.92 2.22 15.40
N LYS D 227 -32.96 2.08 14.49
CA LYS D 227 -32.26 0.79 14.42
C LYS D 227 -31.48 0.52 15.68
N ILE D 228 -30.83 1.54 16.24
CA ILE D 228 -30.01 1.31 17.43
C ILE D 228 -30.88 0.94 18.63
N HIS D 229 -31.94 1.70 18.89
CA HIS D 229 -32.78 1.34 20.04
C HIS D 229 -33.53 0.04 19.80
N LYS D 230 -34.17 -0.10 18.66
CA LYS D 230 -35.00 -1.26 18.39
C LYS D 230 -34.23 -2.56 18.54
N GLN D 231 -33.08 -2.64 17.88
CA GLN D 231 -32.31 -3.87 17.87
C GLN D 231 -31.30 -3.94 19.02
N GLY D 232 -31.06 -2.84 19.71
CA GLY D 232 -30.22 -2.87 20.89
C GLY D 232 -28.80 -3.29 20.61
N LEU D 233 -28.20 -2.75 19.56
CA LEU D 233 -26.82 -3.09 19.22
C LEU D 233 -25.81 -2.46 20.16
N ILE D 234 -26.11 -1.30 20.72
CA ILE D 234 -25.14 -0.52 21.47
C ILE D 234 -25.53 -0.49 22.93
N LYS D 235 -24.58 -0.82 23.80
CA LYS D 235 -24.81 -0.67 25.23
C LYS D 235 -24.73 0.80 25.64
N SER D 236 -23.77 1.53 25.09
CA SER D 236 -23.58 2.93 25.45
C SER D 236 -24.62 3.79 24.76
N SER D 237 -24.70 5.06 25.19
CA SER D 237 -25.61 6.01 24.59
C SER D 237 -24.88 7.08 23.80
N ARG D 238 -23.58 6.92 23.59
CA ARG D 238 -22.83 7.95 22.87
C ARG D 238 -23.30 8.15 21.44
N PRO D 239 -23.48 7.13 20.61
CA PRO D 239 -23.89 7.40 19.23
C PRO D 239 -25.14 8.24 19.15
N LEU D 240 -26.12 8.01 20.00
CA LEU D 240 -27.30 8.87 19.97
C LEU D 240 -27.04 10.24 20.57
N ARG D 241 -25.85 10.51 21.07
CA ARG D 241 -25.47 11.86 21.46
C ARG D 241 -24.64 12.57 20.43
N VAL D 242 -23.59 11.94 19.90
CA VAL D 242 -22.85 12.54 18.80
C VAL D 242 -23.78 12.80 17.63
N LEU D 243 -24.67 11.85 17.37
CA LEU D 243 -25.61 12.01 16.28
C LEU D 243 -26.53 13.20 16.53
N SER D 244 -27.04 13.30 17.74
CA SER D 244 -27.94 14.39 18.09
C SER D 244 -27.25 15.74 18.02
N PHE D 245 -26.00 15.81 18.46
CA PHE D 245 -25.26 17.06 18.33
C PHE D 245 -25.08 17.45 16.88
N VAL D 246 -24.55 16.55 16.06
CA VAL D 246 -24.25 16.95 14.69
C VAL D 246 -25.50 17.14 13.86
N ALA D 247 -26.67 16.73 14.37
CA ALA D 247 -27.89 17.12 13.67
C ALA D 247 -28.45 18.44 14.19
N ALA D 248 -28.50 18.60 15.51
CA ALA D 248 -29.09 19.80 16.08
C ALA D 248 -28.21 21.02 15.84
N ALA D 249 -26.90 20.85 15.79
CA ALA D 249 -26.05 22.00 15.49
C ALA D 249 -26.27 22.48 14.07
N PHE D 250 -26.33 21.56 13.12
CA PHE D 250 -26.69 21.94 11.76
C PHE D 250 -28.01 22.68 11.75
N PHE D 251 -29.01 22.15 12.46
CA PHE D 251 -30.32 22.78 12.43
C PHE D 251 -30.28 24.17 13.05
N LEU D 252 -29.75 24.30 14.26
CA LEU D 252 -29.77 25.57 14.95
C LEU D 252 -28.87 26.61 14.31
N CYS D 253 -27.82 26.18 13.61
CA CYS D 253 -27.01 27.15 12.90
C CYS D 253 -27.70 27.60 11.63
N TRP D 254 -28.02 26.66 10.74
CA TRP D 254 -28.47 27.07 9.43
C TRP D 254 -29.91 27.56 9.46
N SER D 255 -30.70 27.16 10.45
CA SER D 255 -32.14 27.39 10.40
C SER D 255 -32.55 28.86 10.49
N PRO D 256 -32.09 29.65 11.46
CA PRO D 256 -32.60 31.02 11.54
C PRO D 256 -32.33 31.81 10.28
N TYR D 257 -31.16 31.61 9.68
CA TYR D 257 -30.85 32.30 8.45
C TYR D 257 -31.82 31.91 7.35
N GLN D 258 -32.11 30.62 7.22
CA GLN D 258 -33.01 30.23 6.15
C GLN D 258 -34.40 30.78 6.36
N VAL D 259 -34.85 30.84 7.62
CA VAL D 259 -36.19 31.37 7.89
C VAL D 259 -36.24 32.86 7.57
N VAL D 260 -35.27 33.63 8.05
CA VAL D 260 -35.30 35.06 7.75
C VAL D 260 -35.09 35.29 6.26
N ALA D 261 -34.31 34.43 5.61
CA ALA D 261 -34.09 34.58 4.18
C ALA D 261 -35.37 34.36 3.40
N LEU D 262 -36.14 33.35 3.78
CA LEU D 262 -37.43 33.15 3.13
C LEU D 262 -38.36 34.32 3.40
N ILE D 263 -38.35 34.83 4.64
CA ILE D 263 -39.18 35.98 4.96
C ILE D 263 -38.82 37.16 4.06
N ALA D 264 -37.52 37.43 3.93
CA ALA D 264 -37.08 38.51 3.08
C ALA D 264 -37.48 38.27 1.64
N THR D 265 -37.34 37.04 1.16
CA THR D 265 -37.68 36.73 -0.21
C THR D 265 -39.16 36.98 -0.47
N VAL D 266 -40.00 36.73 0.53
CA VAL D 266 -41.40 37.09 0.39
C VAL D 266 -41.57 38.60 0.37
N ARG D 267 -40.97 39.29 1.33
CA ARG D 267 -41.07 40.74 1.43
C ARG D 267 -39.88 41.42 0.74
N ILE D 268 -39.65 41.06 -0.52
CA ILE D 268 -38.41 41.46 -1.18
C ILE D 268 -38.55 42.81 -1.87
N ARG D 269 -39.64 43.03 -2.61
CA ARG D 269 -39.83 44.30 -3.30
C ARG D 269 -39.78 45.45 -2.30
N GLU D 270 -40.44 45.27 -1.17
CA GLU D 270 -40.51 46.29 -0.14
C GLU D 270 -39.16 46.60 0.48
N LEU D 271 -38.34 45.59 0.76
CA LEU D 271 -37.03 45.89 1.33
C LEU D 271 -36.13 46.53 0.28
N LEU D 272 -36.31 46.16 -0.99
CA LEU D 272 -35.59 46.88 -2.04
C LEU D 272 -36.01 48.33 -2.11
N GLN D 273 -37.29 48.61 -1.89
CA GLN D 273 -37.77 50.00 -1.87
C GLN D 273 -37.59 50.63 -0.50
N GLY D 274 -36.41 50.43 0.09
CA GLY D 274 -35.99 51.22 1.25
C GLY D 274 -36.94 51.22 2.43
N MET D 275 -37.68 50.15 2.66
CA MET D 275 -38.56 50.07 3.81
C MET D 275 -38.79 48.60 4.14
N TYR D 276 -39.54 48.34 5.21
CA TYR D 276 -39.35 47.13 6.01
C TYR D 276 -37.88 47.01 6.40
N LYS D 277 -37.41 48.04 7.07
CA LYS D 277 -36.04 48.13 7.53
C LYS D 277 -35.80 47.04 8.58
N GLU D 278 -34.55 46.94 9.04
CA GLU D 278 -34.03 46.10 10.12
C GLU D 278 -34.05 44.63 9.73
N ILE D 279 -34.75 44.30 8.64
CA ILE D 279 -34.60 42.97 8.09
C ILE D 279 -33.19 42.82 7.54
N GLY D 280 -32.59 43.89 7.08
CA GLY D 280 -31.19 43.84 6.69
C GLY D 280 -30.29 43.47 7.85
N ILE D 281 -30.51 44.11 9.00
CA ILE D 281 -29.72 43.76 10.18
C ILE D 281 -29.96 42.30 10.56
N ALA D 282 -31.22 41.87 10.49
CA ALA D 282 -31.53 40.48 10.81
C ALA D 282 -30.78 39.53 9.90
N VAL D 283 -30.78 39.82 8.60
CA VAL D 283 -30.09 38.96 7.65
C VAL D 283 -28.60 38.95 7.95
N ASP D 284 -28.04 40.11 8.26
CA ASP D 284 -26.62 40.17 8.59
C ASP D 284 -26.30 39.29 9.80
N VAL D 285 -27.06 39.46 10.87
CA VAL D 285 -26.73 38.78 12.11
C VAL D 285 -26.95 37.27 11.97
N THR D 286 -28.05 36.86 11.35
CA THR D 286 -28.27 35.43 11.18
C THR D 286 -27.24 34.81 10.25
N SER D 287 -26.89 35.52 9.17
CA SER D 287 -25.85 35.03 8.29
C SER D 287 -24.56 34.86 9.02
N ALA D 288 -24.32 35.69 10.03
CA ALA D 288 -23.15 35.48 10.86
C ALA D 288 -23.16 34.10 11.48
N LEU D 289 -24.32 33.68 12.00
CA LEU D 289 -24.44 32.38 12.66
C LEU D 289 -24.35 31.24 11.65
N ALA D 290 -25.01 31.41 10.50
CA ALA D 290 -24.92 30.38 9.47
C ALA D 290 -23.48 30.17 9.06
N PHE D 291 -22.75 31.25 8.82
CA PHE D 291 -21.33 31.11 8.53
C PHE D 291 -20.62 30.48 9.70
N PHE D 292 -21.05 30.80 10.92
CA PHE D 292 -20.43 30.27 12.11
C PHE D 292 -20.46 28.75 12.12
N ASN D 293 -21.51 28.15 11.56
CA ASN D 293 -21.58 26.70 11.49
C ASN D 293 -20.35 26.10 10.83
N SER D 294 -19.80 26.80 9.85
CA SER D 294 -18.70 26.27 9.07
C SER D 294 -17.41 26.23 9.85
N CYS D 295 -17.36 26.83 11.04
CA CYS D 295 -16.15 26.77 11.83
C CYS D 295 -16.13 25.60 12.79
N LEU D 296 -17.29 25.21 13.31
CA LEU D 296 -17.36 24.07 14.20
C LEU D 296 -17.74 22.79 13.49
N ASN D 297 -18.06 22.83 12.21
CA ASN D 297 -18.19 21.58 11.46
C ASN D 297 -16.99 20.67 11.64
N PRO D 298 -15.74 21.13 11.57
CA PRO D 298 -14.62 20.22 11.82
C PRO D 298 -14.62 19.65 13.23
N MET D 299 -15.08 20.41 14.21
CA MET D 299 -15.19 19.88 15.56
C MET D 299 -16.20 18.74 15.61
N LEU D 300 -17.41 18.99 15.11
CA LEU D 300 -18.48 18.02 15.21
C LEU D 300 -18.18 16.76 14.41
N TYR D 301 -17.76 16.92 13.17
CA TYR D 301 -17.61 15.72 12.36
C TYR D 301 -16.25 15.07 12.60
N VAL D 302 -15.18 15.80 12.40
CA VAL D 302 -13.87 15.16 12.41
C VAL D 302 -13.35 15.03 13.83
N PHE D 303 -13.30 16.12 14.59
CA PHE D 303 -12.65 16.11 15.89
C PHE D 303 -13.59 15.71 17.02
N MET D 304 -14.69 15.04 16.71
CA MET D 304 -15.45 14.34 17.72
C MET D 304 -15.03 12.89 17.86
N GLY D 305 -14.48 12.31 16.81
CA GLY D 305 -13.98 10.95 16.90
C GLY D 305 -12.62 10.88 17.56
N GLN D 306 -12.32 9.71 18.12
CA GLN D 306 -11.07 9.55 18.85
C GLN D 306 -9.88 9.48 17.90
N ASP D 307 -10.06 8.82 16.75
CA ASP D 307 -8.95 8.61 15.84
C ASP D 307 -8.39 9.93 15.34
N PHE D 308 -9.27 10.86 14.97
CA PHE D 308 -8.82 12.13 14.41
C PHE D 308 -8.14 12.98 15.48
N ARG D 309 -8.69 13.00 16.69
CA ARG D 309 -8.02 13.69 17.79
C ARG D 309 -6.64 13.13 18.01
N GLU D 310 -6.52 11.81 17.98
CA GLU D 310 -5.22 11.19 18.22
C GLU D 310 -4.25 11.54 17.12
N ARG D 311 -4.70 11.58 15.87
CA ARG D 311 -3.82 11.95 14.77
C ARG D 311 -3.35 13.39 14.92
N LEU D 312 -4.26 14.28 15.33
CA LEU D 312 -3.87 15.66 15.60
C LEU D 312 -2.80 15.72 16.67
N ILE D 313 -3.01 15.02 17.78
CA ILE D 313 -2.06 15.07 18.89
C ILE D 313 -0.71 14.52 18.46
N HIS D 314 -0.72 13.38 17.76
CA HIS D 314 0.53 12.76 17.33
C HIS D 314 1.29 13.67 16.39
N ALA D 315 0.59 14.34 15.48
CA ALA D 315 1.25 15.26 14.56
C ALA D 315 1.54 16.59 15.24
N ASP E 1 8.07 -19.41 -28.37
CA ASP E 1 7.04 -19.25 -29.38
C ASP E 1 6.29 -17.95 -29.16
N VAL E 2 6.93 -16.85 -29.57
CA VAL E 2 6.44 -15.51 -29.26
C VAL E 2 6.08 -14.85 -30.58
N GLN E 3 5.58 -15.65 -31.51
CA GLN E 3 5.40 -15.16 -32.87
C GLN E 3 4.44 -13.98 -32.92
N LEU E 4 4.75 -13.04 -33.81
CA LEU E 4 3.86 -11.97 -34.25
C LEU E 4 3.70 -12.13 -35.74
N VAL E 5 2.46 -12.09 -36.22
CA VAL E 5 2.17 -12.25 -37.64
C VAL E 5 1.32 -11.08 -38.09
N GLU E 6 1.77 -10.40 -39.14
CA GLU E 6 1.04 -9.26 -39.66
C GLU E 6 0.31 -9.65 -40.93
N SER E 7 -0.92 -9.15 -41.07
CA SER E 7 -1.75 -9.45 -42.23
C SER E 7 -2.45 -8.19 -42.68
N GLY E 8 -2.69 -8.10 -43.98
CA GLY E 8 -3.29 -6.92 -44.56
C GLY E 8 -2.50 -6.39 -45.73
N GLY E 9 -1.64 -7.23 -46.31
CA GLY E 9 -0.80 -6.81 -47.39
C GLY E 9 -1.41 -7.06 -48.77
N GLY E 10 -0.97 -6.27 -49.73
CA GLY E 10 -1.47 -6.39 -51.08
C GLY E 10 -1.14 -5.15 -51.89
N LEU E 11 -1.94 -4.94 -52.93
CA LEU E 11 -1.83 -3.76 -53.79
C LEU E 11 -3.02 -2.86 -53.56
N VAL E 12 -2.75 -1.57 -53.35
CA VAL E 12 -3.80 -0.59 -53.09
C VAL E 12 -3.58 0.61 -53.99
N GLN E 13 -4.65 1.07 -54.62
CA GLN E 13 -4.56 2.28 -55.43
C GLN E 13 -4.34 3.50 -54.54
N PRO E 14 -3.62 4.50 -55.02
CA PRO E 14 -3.42 5.71 -54.24
C PRO E 14 -4.75 6.39 -53.91
N GLY E 15 -4.79 7.03 -52.75
CA GLY E 15 -6.01 7.66 -52.29
C GLY E 15 -6.99 6.72 -51.63
N GLY E 16 -6.67 5.44 -51.53
CA GLY E 16 -7.55 4.46 -50.93
C GLY E 16 -7.41 4.39 -49.43
N SER E 17 -7.57 3.19 -48.89
CA SER E 17 -7.42 2.95 -47.47
C SER E 17 -7.11 1.47 -47.26
N ARG E 18 -6.68 1.12 -46.07
CA ARG E 18 -6.38 -0.28 -45.79
C ARG E 18 -6.22 -0.50 -44.30
N LYS E 19 -6.62 -1.67 -43.84
CA LYS E 19 -6.45 -2.11 -42.45
C LYS E 19 -5.26 -3.06 -42.37
N LEU E 20 -4.29 -2.73 -41.54
CA LEU E 20 -3.26 -3.69 -41.19
C LEU E 20 -3.54 -4.26 -39.83
N SER E 21 -3.22 -5.55 -39.67
CA SER E 21 -3.48 -6.27 -38.44
C SER E 21 -2.27 -7.12 -38.09
N CYS E 22 -1.93 -7.13 -36.81
CA CYS E 22 -0.84 -7.94 -36.28
C CYS E 22 -1.42 -8.81 -35.19
N SER E 23 -1.28 -10.13 -35.33
CA SER E 23 -1.86 -11.07 -34.38
C SER E 23 -0.77 -11.58 -33.44
N ALA E 24 -0.92 -11.28 -32.17
CA ALA E 24 0.08 -11.66 -31.19
C ALA E 24 -0.16 -13.06 -30.68
N SER E 25 0.89 -13.66 -30.12
CA SER E 25 0.79 -15.01 -29.60
C SER E 25 1.96 -15.25 -28.67
N GLY E 26 1.71 -16.00 -27.62
CA GLY E 26 2.79 -16.42 -26.77
C GLY E 26 3.35 -15.36 -25.86
N PHE E 27 2.68 -14.21 -25.72
CA PHE E 27 3.14 -13.25 -24.74
C PHE E 27 1.97 -12.45 -24.22
N ALA E 28 2.17 -11.84 -23.05
CA ALA E 28 1.14 -11.06 -22.37
C ALA E 28 0.94 -9.78 -23.13
N PHE E 29 0.22 -9.87 -24.24
CA PHE E 29 0.09 -8.74 -25.14
C PHE E 29 -0.46 -7.52 -24.46
N SER E 30 -1.27 -7.69 -23.43
CA SER E 30 -1.87 -6.52 -22.82
C SER E 30 -0.86 -5.68 -22.05
N SER E 31 0.32 -6.23 -21.74
CA SER E 31 1.32 -5.54 -20.94
C SER E 31 2.38 -4.86 -21.77
N PHE E 32 2.30 -4.90 -23.08
CA PHE E 32 3.35 -4.42 -23.94
C PHE E 32 2.90 -3.18 -24.70
N GLY E 33 3.85 -2.33 -25.05
CA GLY E 33 3.60 -1.21 -25.91
C GLY E 33 4.14 -1.51 -27.28
N MET E 34 3.24 -1.68 -28.23
CA MET E 34 3.60 -2.15 -29.55
C MET E 34 3.85 -0.99 -30.50
N HIS E 35 4.79 -1.19 -31.41
CA HIS E 35 5.19 -0.19 -32.38
C HIS E 35 4.80 -0.64 -33.77
N TRP E 36 5.01 0.25 -34.72
CA TRP E 36 4.94 -0.08 -36.14
C TRP E 36 6.16 0.57 -36.76
N VAL E 37 6.96 -0.20 -37.46
CA VAL E 37 8.15 0.32 -38.13
C VAL E 37 8.10 -0.15 -39.57
N ARG E 38 7.95 0.79 -40.49
CA ARG E 38 7.87 0.43 -41.90
C ARG E 38 9.25 0.30 -42.46
N GLN E 39 9.33 -0.02 -43.74
CA GLN E 39 10.62 -0.08 -44.42
C GLN E 39 10.38 -0.01 -45.91
N ALA E 40 10.76 1.10 -46.52
CA ALA E 40 10.63 1.32 -47.95
C ALA E 40 11.30 0.18 -48.71
N PRO E 41 11.03 0.02 -50.02
CA PRO E 41 11.50 -1.20 -50.70
C PRO E 41 12.99 -1.45 -50.59
N GLU E 42 13.82 -0.42 -50.62
CA GLU E 42 15.26 -0.62 -50.50
C GLU E 42 15.87 0.44 -49.61
N LYS E 43 15.15 0.84 -48.57
CA LYS E 43 15.59 1.93 -47.70
C LYS E 43 15.50 1.47 -46.26
N GLY E 44 15.97 2.31 -45.36
CA GLY E 44 16.09 1.93 -43.97
C GLY E 44 14.77 1.95 -43.25
N LEU E 45 14.82 1.47 -42.02
CA LEU E 45 13.64 1.44 -41.16
C LEU E 45 13.14 2.86 -40.97
N GLU E 46 11.89 2.98 -40.56
CA GLU E 46 11.28 4.30 -40.39
C GLU E 46 10.10 4.19 -39.46
N TRP E 47 10.18 4.84 -38.31
CA TRP E 47 9.15 4.67 -37.30
C TRP E 47 7.82 5.18 -37.80
N VAL E 48 6.75 4.54 -37.35
CA VAL E 48 5.42 4.80 -37.89
C VAL E 48 4.45 5.22 -36.81
N ALA E 49 4.26 4.39 -35.79
CA ALA E 49 3.32 4.71 -34.72
C ALA E 49 3.57 3.82 -33.53
N TYR E 50 3.31 4.34 -32.34
CA TYR E 50 3.50 3.59 -31.11
C TYR E 50 2.25 3.71 -30.26
N ILE E 51 1.78 2.60 -29.69
CA ILE E 51 0.65 2.64 -28.76
C ILE E 51 1.04 1.93 -27.48
N SER E 52 0.78 2.57 -26.35
CA SER E 52 1.33 2.15 -25.07
C SER E 52 0.56 0.96 -24.54
N SER E 53 0.97 0.46 -23.37
CA SER E 53 0.18 -0.54 -22.69
C SER E 53 -0.96 0.14 -21.97
N GLY E 54 -2.18 -0.31 -22.22
CA GLY E 54 -3.33 0.43 -21.78
C GLY E 54 -3.73 1.53 -22.72
N SER E 55 -3.10 1.62 -23.88
CA SER E 55 -3.47 2.56 -24.93
C SER E 55 -3.56 3.99 -24.45
N GLY E 56 -2.86 4.31 -23.36
CA GLY E 56 -2.86 5.69 -22.88
C GLY E 56 -2.11 6.63 -23.81
N THR E 57 -0.96 6.20 -24.30
CA THR E 57 -0.08 7.04 -25.11
C THR E 57 -0.07 6.54 -26.53
N ILE E 58 -0.22 7.44 -27.48
CA ILE E 58 -0.08 7.10 -28.89
C ILE E 58 0.68 8.23 -29.57
N TYR E 59 1.80 7.89 -30.19
CA TYR E 59 2.59 8.86 -30.93
C TYR E 59 2.58 8.47 -32.39
N TYR E 60 3.02 9.38 -33.24
CA TYR E 60 3.04 9.11 -34.67
C TYR E 60 4.24 9.77 -35.28
N ALA E 61 4.64 9.28 -36.44
CA ALA E 61 5.65 9.97 -37.19
C ALA E 61 5.06 11.26 -37.73
N ASP E 62 5.93 12.22 -38.02
CA ASP E 62 5.44 13.46 -38.60
C ASP E 62 4.89 13.26 -40.00
N THR E 63 5.27 12.19 -40.66
CA THR E 63 4.87 11.97 -42.04
C THR E 63 3.58 11.17 -42.17
N VAL E 64 2.93 10.82 -41.08
CA VAL E 64 1.71 10.03 -41.18
C VAL E 64 0.59 10.52 -40.28
N LYS E 65 0.83 11.57 -39.50
CA LYS E 65 -0.23 12.03 -38.59
C LYS E 65 -1.48 12.38 -39.36
N GLY E 66 -2.61 11.89 -38.90
CA GLY E 66 -3.88 12.04 -39.58
C GLY E 66 -4.17 10.96 -40.60
N ARG E 67 -3.16 10.59 -41.38
CA ARG E 67 -3.34 9.56 -42.39
C ARG E 67 -3.42 8.17 -41.77
N PHE E 68 -2.66 7.93 -40.70
CA PHE E 68 -2.56 6.62 -40.09
C PHE E 68 -3.21 6.64 -38.72
N THR E 69 -3.69 5.48 -38.29
CA THR E 69 -4.22 5.34 -36.94
C THR E 69 -3.87 3.96 -36.41
N ILE E 70 -3.43 3.93 -35.16
CA ILE E 70 -2.96 2.70 -34.53
C ILE E 70 -3.88 2.36 -33.37
N SER E 71 -4.26 1.09 -33.27
CA SER E 71 -5.11 0.63 -32.21
C SER E 71 -4.81 -0.84 -31.94
N ARG E 72 -5.13 -1.27 -30.73
CA ARG E 72 -4.87 -2.64 -30.31
C ARG E 72 -6.14 -3.28 -29.81
N ASP E 73 -6.25 -4.59 -29.99
CA ASP E 73 -7.41 -5.37 -29.54
C ASP E 73 -6.94 -6.33 -28.47
N ASP E 74 -6.87 -5.82 -27.23
CA ASP E 74 -6.23 -6.57 -26.15
C ASP E 74 -6.89 -7.90 -25.83
N PRO E 75 -8.22 -8.01 -25.69
CA PRO E 75 -8.80 -9.31 -25.37
C PRO E 75 -8.49 -10.38 -26.38
N LYS E 76 -8.29 -10.02 -27.64
CA LYS E 76 -7.99 -10.99 -28.70
C LYS E 76 -6.56 -10.91 -29.18
N ASN E 77 -5.72 -10.07 -28.58
CA ASN E 77 -4.28 -10.05 -28.86
C ASN E 77 -4.00 -9.75 -30.32
N THR E 78 -4.46 -8.60 -30.79
CA THR E 78 -4.24 -8.20 -32.18
C THR E 78 -4.11 -6.69 -32.26
N LEU E 79 -3.11 -6.23 -33.00
CA LEU E 79 -2.78 -4.81 -33.14
C LEU E 79 -3.14 -4.35 -34.54
N PHE E 80 -3.82 -3.21 -34.65
CA PHE E 80 -4.37 -2.71 -35.90
C PHE E 80 -3.80 -1.36 -36.26
N LEU E 81 -3.30 -1.23 -37.48
CA LEU E 81 -2.92 0.06 -38.04
C LEU E 81 -3.88 0.37 -39.18
N GLN E 82 -4.58 1.50 -39.06
CA GLN E 82 -5.49 1.96 -40.11
C GLN E 82 -4.83 3.03 -40.94
N MET E 83 -4.69 2.76 -42.24
CA MET E 83 -4.03 3.66 -43.16
C MET E 83 -5.05 4.27 -44.10
N THR E 84 -5.07 5.60 -44.18
CA THR E 84 -5.96 6.31 -45.08
C THR E 84 -5.15 7.22 -45.99
N SER E 85 -5.62 7.35 -47.22
CA SER E 85 -4.98 8.22 -48.22
C SER E 85 -3.53 7.78 -48.47
N LEU E 86 -3.40 6.56 -48.97
CA LEU E 86 -2.08 5.97 -49.14
C LEU E 86 -1.38 6.57 -50.34
N ARG E 87 -0.42 7.45 -50.10
CA ARG E 87 0.35 8.05 -51.17
C ARG E 87 1.31 7.02 -51.74
N SER E 88 2.21 7.47 -52.62
CA SER E 88 3.22 6.57 -53.16
C SER E 88 4.42 6.41 -52.24
N GLU E 89 4.54 7.26 -51.24
CA GLU E 89 5.65 7.15 -50.29
C GLU E 89 5.37 6.16 -49.19
N ASP E 90 4.19 5.53 -49.19
CA ASP E 90 3.85 4.54 -48.19
C ASP E 90 4.13 3.12 -48.62
N THR E 91 4.54 2.90 -49.87
CA THR E 91 4.89 1.55 -50.29
C THR E 91 6.09 1.04 -49.50
N ALA E 92 5.87 0.03 -48.66
CA ALA E 92 6.87 -0.40 -47.71
C ALA E 92 6.37 -1.66 -47.02
N MET E 93 7.28 -2.33 -46.33
CA MET E 93 6.95 -3.49 -45.52
C MET E 93 6.83 -3.06 -44.07
N TYR E 94 5.68 -3.29 -43.47
CA TYR E 94 5.36 -2.76 -42.16
C TYR E 94 5.60 -3.81 -41.11
N TYR E 95 6.26 -3.44 -40.02
CA TYR E 95 6.67 -4.40 -39.02
C TYR E 95 5.91 -4.20 -37.71
N CYS E 96 5.80 -5.29 -36.95
CA CYS E 96 5.15 -5.33 -35.64
C CYS E 96 6.24 -5.55 -34.61
N VAL E 97 6.50 -4.54 -33.81
CA VAL E 97 7.60 -4.55 -32.86
C VAL E 97 7.06 -4.21 -31.49
N ARG E 98 7.26 -5.08 -30.53
CA ARG E 98 6.77 -4.85 -29.19
C ARG E 98 7.82 -4.20 -28.32
N SER E 99 7.39 -3.58 -27.23
CA SER E 99 8.30 -2.83 -26.39
C SER E 99 7.64 -2.53 -25.06
N ILE E 100 8.27 -2.96 -23.96
CA ILE E 100 7.73 -2.78 -22.63
C ILE E 100 8.70 -1.93 -21.82
N TYR E 101 8.18 -0.92 -21.13
CA TYR E 101 9.00 0.10 -20.49
C TYR E 101 8.82 0.04 -19.00
N TYR E 102 9.86 -0.41 -18.29
CA TYR E 102 9.97 -0.25 -16.85
C TYR E 102 11.46 -0.08 -16.56
N TYR E 103 11.82 -0.04 -15.30
CA TYR E 103 13.23 0.13 -14.98
C TYR E 103 13.99 -1.12 -15.38
N GLY E 104 14.86 -1.00 -16.37
CA GLY E 104 15.70 -2.11 -16.78
C GLY E 104 15.11 -3.01 -17.82
N SER E 105 14.08 -2.57 -18.53
CA SER E 105 13.41 -3.42 -19.49
C SER E 105 14.20 -3.49 -20.78
N SER E 106 13.63 -4.16 -21.78
CA SER E 106 14.30 -4.44 -23.04
C SER E 106 13.38 -4.10 -24.20
N PRO E 107 13.19 -2.82 -24.50
CA PRO E 107 12.22 -2.44 -25.53
C PRO E 107 12.68 -2.84 -26.92
N PHE E 108 11.71 -2.87 -27.83
CA PHE E 108 11.92 -3.22 -29.22
C PHE E 108 12.52 -4.60 -29.38
N ASP E 109 12.29 -5.48 -28.41
CA ASP E 109 13.03 -6.73 -28.38
C ASP E 109 12.56 -7.75 -29.39
N PHE E 110 11.29 -7.78 -29.76
CA PHE E 110 10.85 -8.79 -30.70
C PHE E 110 10.21 -8.15 -31.92
N TRP E 111 10.65 -8.55 -33.10
CA TRP E 111 10.17 -8.01 -34.35
C TRP E 111 9.39 -9.05 -35.11
N GLY E 112 8.23 -8.69 -35.58
CA GLY E 112 7.40 -9.62 -36.32
C GLY E 112 7.88 -9.83 -37.72
N GLN E 113 7.20 -10.73 -38.43
CA GLN E 113 7.58 -11.02 -39.80
C GLN E 113 7.33 -9.84 -40.72
N GLY E 114 6.30 -9.05 -40.46
CA GLY E 114 6.12 -7.84 -41.22
C GLY E 114 5.39 -8.05 -42.51
N THR E 115 4.30 -7.34 -42.71
CA THR E 115 3.53 -7.44 -43.93
C THR E 115 4.09 -6.49 -44.98
N THR E 116 3.94 -6.89 -46.23
CA THR E 116 4.37 -6.07 -47.35
C THR E 116 3.19 -5.30 -47.91
N LEU E 117 3.46 -4.11 -48.39
CA LEU E 117 2.43 -3.27 -48.98
C LEU E 117 3.01 -2.69 -50.25
N THR E 118 2.16 -2.54 -51.26
CA THR E 118 2.54 -1.84 -52.47
C THR E 118 1.42 -0.90 -52.86
N VAL E 119 1.77 0.26 -53.38
CA VAL E 119 0.81 1.20 -53.92
C VAL E 119 1.28 1.58 -55.31
N SER E 120 0.38 1.45 -56.30
CA SER E 120 0.75 1.72 -57.67
C SER E 120 1.03 3.20 -57.87
N SER E 121 1.90 3.51 -58.83
CA SER E 121 2.30 4.89 -59.08
C SER E 121 1.13 5.74 -59.55
N SER E 136 13.31 19.85 -35.84
CA SER E 136 13.48 19.61 -34.41
C SER E 136 13.80 18.15 -34.13
N ASP E 137 13.43 17.29 -35.07
CA ASP E 137 13.60 15.86 -34.90
C ASP E 137 15.08 15.48 -34.92
N ILE E 138 15.46 14.57 -34.04
CA ILE E 138 16.86 14.21 -33.92
C ILE E 138 17.28 13.42 -35.15
N VAL E 139 18.29 13.90 -35.84
CA VAL E 139 18.79 13.26 -37.06
C VAL E 139 19.95 12.37 -36.68
N MET E 140 19.86 11.10 -37.04
CA MET E 140 20.87 10.13 -36.69
C MET E 140 21.58 9.74 -37.98
N THR E 141 22.86 10.10 -38.09
CA THR E 141 23.63 9.87 -39.30
C THR E 141 24.51 8.66 -39.12
N GLN E 142 24.40 7.70 -40.02
CA GLN E 142 25.13 6.45 -39.91
C GLN E 142 25.90 6.19 -41.19
N ALA E 143 26.70 7.16 -41.60
CA ALA E 143 27.40 7.12 -42.88
C ALA E 143 28.28 5.88 -42.99
N THR E 144 28.88 5.72 -44.17
CA THR E 144 29.61 4.52 -44.55
C THR E 144 28.65 3.32 -44.57
N SER E 145 27.72 3.37 -45.52
CA SER E 145 26.60 2.44 -45.54
C SER E 145 27.03 1.01 -45.78
N SER E 146 28.20 0.78 -46.36
CA SER E 146 28.64 -0.59 -46.61
C SER E 146 30.12 -0.73 -46.32
N VAL E 147 30.48 -1.83 -45.66
CA VAL E 147 31.89 -2.18 -45.46
C VAL E 147 32.07 -3.67 -45.74
N PRO E 148 33.11 -4.06 -46.48
CA PRO E 148 33.39 -5.47 -46.67
C PRO E 148 33.80 -6.13 -45.37
N VAL E 149 33.48 -7.41 -45.24
CA VAL E 149 33.68 -8.14 -43.99
C VAL E 149 34.44 -9.42 -44.27
N THR E 150 35.48 -9.67 -43.48
CA THR E 150 36.25 -10.90 -43.51
C THR E 150 35.91 -11.76 -42.30
N PRO E 151 35.47 -13.00 -42.50
CA PRO E 151 35.11 -13.84 -41.35
C PRO E 151 36.29 -14.00 -40.40
N GLY E 152 35.98 -14.10 -39.12
CA GLY E 152 37.00 -14.19 -38.11
C GLY E 152 37.62 -12.87 -37.70
N GLU E 153 37.14 -11.76 -38.25
CA GLU E 153 37.66 -10.44 -37.92
C GLU E 153 36.74 -9.76 -36.92
N SER E 154 37.02 -8.48 -36.67
CA SER E 154 36.22 -7.65 -35.78
C SER E 154 35.96 -6.31 -36.45
N VAL E 155 34.70 -5.90 -36.48
CA VAL E 155 34.33 -4.65 -37.13
C VAL E 155 33.55 -3.79 -36.13
N SER E 156 33.62 -2.49 -36.31
CA SER E 156 32.90 -1.53 -35.48
C SER E 156 32.11 -0.59 -36.38
N ILE E 157 30.82 -0.54 -36.16
CA ILE E 157 29.91 0.30 -36.93
C ILE E 157 29.73 1.60 -36.16
N SER E 158 29.63 2.71 -36.89
CA SER E 158 29.56 4.04 -36.28
C SER E 158 28.21 4.68 -36.55
N CYS E 159 27.61 5.24 -35.52
CA CYS E 159 26.37 5.98 -35.63
C CYS E 159 26.52 7.25 -34.82
N ARG E 160 26.00 8.36 -35.34
CA ARG E 160 26.18 9.67 -34.72
C ARG E 160 24.85 10.38 -34.59
N SER E 161 24.70 11.13 -33.51
CA SER E 161 23.47 11.83 -33.23
C SER E 161 23.67 13.34 -33.31
N SER E 162 22.67 14.04 -33.82
CA SER E 162 22.74 15.50 -33.80
C SER E 162 22.72 16.02 -32.38
N LYS E 163 21.84 15.48 -31.54
CA LYS E 163 21.63 15.94 -30.19
C LYS E 163 22.25 14.94 -29.21
N SER E 164 22.67 15.43 -28.06
CA SER E 164 23.26 14.56 -27.05
C SER E 164 22.23 13.56 -26.56
N LEU E 165 22.50 12.28 -26.75
CA LEU E 165 21.59 11.24 -26.31
C LEU E 165 21.80 10.82 -24.88
N LEU E 166 22.46 11.64 -24.06
CA LEU E 166 22.67 11.34 -22.66
C LEU E 166 21.71 12.21 -21.86
N HIS E 167 20.63 11.61 -21.39
CA HIS E 167 19.70 12.33 -20.55
C HIS E 167 20.34 12.61 -19.20
N SER E 168 19.64 13.37 -18.38
CA SER E 168 20.14 13.64 -17.03
C SER E 168 20.09 12.42 -16.14
N ASN E 169 19.23 11.45 -16.47
CA ASN E 169 19.14 10.22 -15.70
C ASN E 169 20.41 9.39 -15.80
N GLY E 170 21.30 9.73 -16.71
CA GLY E 170 22.54 9.02 -16.85
C GLY E 170 22.52 7.90 -17.87
N ASN E 171 21.39 7.66 -18.51
CA ASN E 171 21.26 6.58 -19.47
C ASN E 171 21.13 7.13 -20.88
N THR E 172 21.99 6.63 -21.77
CA THR E 172 22.07 7.10 -23.14
C THR E 172 21.14 6.25 -24.02
N TYR E 173 20.10 6.86 -24.57
CA TYR E 173 19.05 6.11 -25.23
C TYR E 173 19.43 5.79 -26.67
N LEU E 174 20.20 4.73 -26.83
CA LEU E 174 20.64 4.26 -28.14
C LEU E 174 20.29 2.80 -28.27
N TYR E 175 19.75 2.39 -29.42
CA TYR E 175 19.47 1.00 -29.70
C TYR E 175 20.15 0.60 -30.99
N TRP E 176 20.52 -0.67 -31.10
CA TRP E 176 21.21 -1.17 -32.28
C TRP E 176 20.45 -2.36 -32.82
N PHE E 177 20.00 -2.28 -34.07
CA PHE E 177 19.24 -3.35 -34.69
C PHE E 177 20.02 -3.95 -35.85
N LEU E 178 20.07 -5.26 -35.88
CA LEU E 178 20.59 -6.01 -37.02
C LEU E 178 19.41 -6.47 -37.83
N GLN E 179 19.44 -6.22 -39.13
CA GLN E 179 18.45 -6.79 -40.04
C GLN E 179 19.13 -7.87 -40.87
N ARG E 180 18.80 -9.13 -40.58
CA ARG E 180 19.30 -10.22 -41.39
C ARG E 180 18.75 -10.08 -42.80
N PRO E 181 19.41 -10.62 -43.80
CA PRO E 181 18.89 -10.52 -45.16
C PRO E 181 17.54 -11.21 -45.30
N GLY E 182 16.50 -10.41 -45.53
CA GLY E 182 15.17 -10.98 -45.69
C GLY E 182 14.60 -11.63 -44.46
N GLN E 183 14.68 -10.96 -43.31
CA GLN E 183 14.11 -11.47 -42.08
C GLN E 183 13.60 -10.29 -41.27
N SER E 184 13.32 -10.54 -40.00
CA SER E 184 13.01 -9.37 -39.21
C SER E 184 14.22 -8.97 -38.38
N PRO E 185 14.43 -7.68 -38.17
CA PRO E 185 15.57 -7.26 -37.35
C PRO E 185 15.48 -7.78 -35.93
N GLN E 186 16.63 -8.17 -35.38
CA GLN E 186 16.72 -8.53 -33.98
C GLN E 186 17.40 -7.41 -33.24
N LEU E 187 16.84 -7.03 -32.10
CA LEU E 187 17.48 -6.05 -31.24
C LEU E 187 18.81 -6.58 -30.75
N LEU E 188 19.84 -5.75 -30.79
CA LEU E 188 21.17 -6.14 -30.35
C LEU E 188 21.58 -5.51 -29.03
N ILE E 189 21.45 -4.21 -28.89
CA ILE E 189 21.95 -3.48 -27.73
C ILE E 189 20.92 -2.43 -27.36
N TYR E 190 20.56 -2.36 -26.08
CA TYR E 190 19.62 -1.36 -25.65
C TYR E 190 20.24 -0.39 -24.66
N ARG E 191 19.95 0.89 -24.88
CA ARG E 191 20.50 2.01 -24.12
C ARG E 191 22.01 2.02 -24.17
N MET E 192 22.54 1.71 -25.34
CA MET E 192 23.92 1.93 -25.77
C MET E 192 24.91 0.96 -25.14
N SER E 193 24.53 0.20 -24.12
CA SER E 193 25.50 -0.69 -23.49
C SER E 193 25.01 -2.09 -23.22
N ASN E 194 23.72 -2.32 -22.98
CA ASN E 194 23.25 -3.58 -22.44
C ASN E 194 23.00 -4.56 -23.58
N LEU E 195 23.73 -5.65 -23.60
CA LEU E 195 23.57 -6.63 -24.66
C LEU E 195 22.26 -7.37 -24.42
N ALA E 196 21.30 -7.20 -25.31
CA ALA E 196 19.96 -7.72 -25.07
C ALA E 196 19.96 -9.24 -25.06
N SER E 197 18.94 -9.81 -24.40
CA SER E 197 18.89 -11.25 -24.20
C SER E 197 18.73 -11.98 -25.52
N GLY E 198 19.28 -13.19 -25.56
CA GLY E 198 19.23 -13.96 -26.79
C GLY E 198 20.21 -13.53 -27.84
N VAL E 199 21.15 -12.66 -27.52
CA VAL E 199 22.12 -12.14 -28.47
C VAL E 199 23.50 -12.58 -28.03
N PRO E 200 24.32 -13.13 -28.91
CA PRO E 200 25.62 -13.67 -28.49
C PRO E 200 26.52 -12.61 -27.88
N ASP E 201 27.40 -13.08 -26.99
CA ASP E 201 28.23 -12.17 -26.19
C ASP E 201 29.13 -11.32 -27.06
N ARG E 202 29.53 -11.83 -28.23
CA ARG E 202 30.59 -11.18 -28.98
C ARG E 202 30.25 -9.76 -29.40
N PHE E 203 28.98 -9.38 -29.42
CA PHE E 203 28.63 -8.01 -29.73
C PHE E 203 28.92 -7.10 -28.54
N SER E 204 29.08 -5.81 -28.82
CA SER E 204 29.29 -4.85 -27.74
C SER E 204 28.96 -3.45 -28.23
N GLY E 205 28.50 -2.62 -27.32
CA GLY E 205 28.22 -1.23 -27.62
C GLY E 205 28.97 -0.32 -26.68
N SER E 206 29.17 0.91 -27.13
CA SER E 206 29.94 1.87 -26.35
C SER E 206 29.76 3.25 -26.95
N GLY E 207 30.27 4.25 -26.26
CA GLY E 207 30.28 5.61 -26.75
C GLY E 207 29.71 6.56 -25.73
N SER E 208 29.55 7.81 -26.15
CA SER E 208 28.94 8.83 -25.30
C SER E 208 27.85 9.53 -26.09
N GLY E 209 27.30 10.61 -25.57
CA GLY E 209 26.33 11.37 -26.31
C GLY E 209 26.88 11.80 -27.65
N THR E 210 26.11 11.60 -28.72
CA THR E 210 26.46 12.00 -30.08
C THR E 210 27.69 11.29 -30.62
N ALA E 211 28.05 10.12 -30.10
CA ALA E 211 29.15 9.37 -30.69
C ALA E 211 29.03 7.94 -30.23
N PHE E 212 28.75 7.03 -31.16
CA PHE E 212 28.42 5.66 -30.82
C PHE E 212 29.20 4.68 -31.65
N THR E 213 29.26 3.45 -31.19
CA THR E 213 30.03 2.43 -31.87
C THR E 213 29.55 1.07 -31.40
N LEU E 214 29.16 0.24 -32.34
CA LEU E 214 28.81 -1.15 -32.07
C LEU E 214 30.03 -2.01 -32.36
N THR E 215 30.54 -2.67 -31.34
CA THR E 215 31.77 -3.45 -31.47
C THR E 215 31.44 -4.94 -31.54
N ILE E 216 31.90 -5.58 -32.61
CA ILE E 216 31.73 -7.01 -32.80
C ILE E 216 33.10 -7.66 -32.72
N SER E 217 33.16 -8.82 -32.08
CA SER E 217 34.40 -9.59 -31.97
C SER E 217 34.23 -10.95 -32.63
N ARG E 218 35.29 -11.40 -33.29
CA ARG E 218 35.32 -12.70 -33.97
C ARG E 218 34.11 -12.86 -34.88
N LEU E 219 33.97 -11.89 -35.79
CA LEU E 219 32.82 -11.87 -36.68
C LEU E 219 32.85 -13.09 -37.60
N GLU E 220 31.69 -13.71 -37.76
CA GLU E 220 31.57 -14.87 -38.63
C GLU E 220 30.33 -14.68 -39.49
N ALA E 221 29.93 -15.74 -40.18
CA ALA E 221 28.76 -15.69 -41.03
C ALA E 221 27.50 -15.47 -40.20
N GLU E 222 26.36 -15.45 -40.88
CA GLU E 222 25.03 -15.19 -40.29
C GLU E 222 25.07 -13.99 -39.35
N ASP E 223 26.00 -13.08 -39.60
CA ASP E 223 25.96 -11.73 -39.05
C ASP E 223 25.91 -10.69 -40.14
N VAL E 224 25.94 -11.12 -41.40
CA VAL E 224 25.78 -10.19 -42.51
C VAL E 224 24.35 -9.67 -42.53
N GLY E 225 24.20 -8.43 -42.98
CA GLY E 225 22.93 -7.77 -42.96
C GLY E 225 23.15 -6.28 -42.94
N VAL E 226 22.13 -5.55 -42.52
CA VAL E 226 22.22 -4.11 -42.37
C VAL E 226 21.89 -3.75 -40.94
N TYR E 227 22.74 -2.95 -40.31
CA TYR E 227 22.59 -2.58 -38.91
C TYR E 227 22.03 -1.18 -38.81
N TYR E 228 21.14 -0.98 -37.86
CA TYR E 228 20.53 0.32 -37.69
C TYR E 228 20.71 0.80 -36.27
N CYS E 229 20.62 2.11 -36.07
CA CYS E 229 20.64 2.70 -34.76
C CYS E 229 19.35 3.47 -34.54
N MET E 230 18.98 3.60 -33.27
CA MET E 230 17.79 4.30 -32.88
C MET E 230 18.13 5.28 -31.78
N GLN E 231 17.40 6.37 -31.75
CA GLN E 231 17.48 7.29 -30.63
C GLN E 231 16.17 7.17 -29.91
N HIS E 232 16.18 7.14 -28.59
CA HIS E 232 14.88 6.93 -28.03
C HIS E 232 14.65 7.93 -26.89
N LEU E 233 15.39 9.04 -26.90
CA LEU E 233 15.08 10.17 -26.01
C LEU E 233 13.71 10.73 -26.30
N GLU E 234 13.44 11.06 -27.55
CA GLU E 234 12.26 11.81 -27.91
C GLU E 234 11.63 11.25 -29.16
N TYR E 235 10.31 11.20 -29.15
CA TYR E 235 9.60 10.82 -30.34
C TYR E 235 9.56 12.00 -31.30
N PRO E 236 9.56 11.74 -32.61
CA PRO E 236 9.55 10.42 -33.25
C PRO E 236 10.89 9.77 -33.18
N LEU E 237 10.92 8.48 -32.91
CA LEU E 237 12.16 7.74 -32.99
C LEU E 237 12.68 7.84 -34.40
N THR E 238 13.99 7.96 -34.53
CA THR E 238 14.59 8.11 -35.84
C THR E 238 15.67 7.06 -35.98
N PHE E 239 15.84 6.55 -37.18
CA PHE E 239 16.81 5.51 -37.42
C PHE E 239 17.95 6.05 -38.27
N GLY E 240 19.08 5.39 -38.18
CA GLY E 240 20.13 5.65 -39.11
C GLY E 240 19.83 5.05 -40.46
N ALA E 241 20.61 5.46 -41.45
CA ALA E 241 20.38 4.99 -42.80
C ALA E 241 20.67 3.51 -42.93
N GLY E 242 21.33 2.93 -41.94
CA GLY E 242 21.62 1.53 -42.02
C GLY E 242 22.96 1.26 -42.65
N THR E 243 23.80 0.52 -41.95
CA THR E 243 25.11 0.13 -42.44
C THR E 243 25.07 -1.35 -42.81
N LYS E 244 25.57 -1.68 -43.99
CA LYS E 244 25.48 -3.02 -44.52
C LYS E 244 26.80 -3.76 -44.37
N LEU E 245 26.72 -5.06 -44.12
CA LEU E 245 27.88 -5.94 -44.16
C LEU E 245 27.69 -6.94 -45.30
N GLU E 246 28.80 -7.42 -45.84
CA GLU E 246 28.75 -8.37 -46.95
C GLU E 246 29.91 -9.37 -46.92
N LEU F 2 -26.49 32.98 -0.43
CA LEU F 2 -26.03 34.19 0.23
C LEU F 2 -26.90 35.33 -0.21
N PHE F 3 -27.69 35.87 0.70
CA PHE F 3 -28.64 36.89 0.30
C PHE F 3 -27.94 38.16 -0.16
N CYS F 4 -28.46 38.76 -1.22
CA CYS F 4 -27.93 39.98 -1.79
C CYS F 4 -26.44 39.86 -2.09
#